data_4XL1
#
_entry.id   4XL1
#
_cell.length_a   77.809
_cell.length_b   93.700
_cell.length_c   99.126
_cell.angle_alpha   90.00
_cell.angle_beta   90.00
_cell.angle_gamma   90.00
#
_symmetry.space_group_name_H-M   'P 21 21 21'
#
loop_
_entity.id
_entity.type
_entity.pdbx_description
1 polymer 'Neurogenic locus notch homolog protein 1'
2 polymer 'Delta-like protein'
3 branched 2-acetamido-2-deoxy-beta-D-glucopyranose-(1-4)-2-acetamido-2-deoxy-beta-D-glucopyranose
4 non-polymer beta-D-glucopyranose
5 non-polymer alpha-L-fucopyranose
6 non-polymer 'CALCIUM ION'
7 non-polymer 2-acetamido-2-deoxy-beta-D-glucopyranose
8 water water
#
loop_
_entity_poly.entity_id
_entity_poly.type
_entity_poly.pdbx_seq_one_letter_code
_entity_poly.pdbx_strand_id
1 'polypeptide(L)'
;PDVDECALGANPCEHAGKCLNTLGSFECQCLQGYTGPRCEIDVNECISNPCQNDATCLDQIGEFQCICMPGYEGVYCEIN
TDECASSPCLHNGRCVDKINEFLCQCPKGFSGHLCQSG
;
A,D
2 'polypeptide(L)'
;GSSSIFQLRLQEFANERGMLANGRPCEPGCRTFFRICL(MLY)HYQATFSEGPCTFGNVSTPVLGTNSFVIRDKNSGSGR
NPLQLPLNFTWPGTFSLNIQAWHTPGDDLRPETSPGNSLISQIIIQGSLAVG(MLY)NWKSDEQNNTLTRLRYSYRVVCS
DNYYGDSCSRLC(MLY)(MLY)RDDHFGHYECQPDGSPSCLPGWTG(MLY)YCDQPICLSGCHEQNGYCS(MLY)PDECN
CRPGWQGPLCNEAA
;
B,E
#
loop_
_chem_comp.id
_chem_comp.type
_chem_comp.name
_chem_comp.formula
BGC D-saccharide, beta linking beta-D-glucopyranose 'C6 H12 O6'
CA non-polymer 'CALCIUM ION' 'Ca 2'
FUC L-saccharide, alpha linking alpha-L-fucopyranose 'C6 H12 O5'
NAG D-saccharide, beta linking 2-acetamido-2-deoxy-beta-D-glucopyranose 'C8 H15 N O6'
#
# COMPACT_ATOMS: atom_id res chain seq x y z
N ASP A 4 23.36 47.24 24.52
CA ASP A 4 23.24 47.67 25.90
C ASP A 4 22.96 46.46 26.79
N GLU A 5 21.68 46.08 26.89
CA GLU A 5 21.26 45.02 27.80
C GLU A 5 21.55 43.64 27.24
N CYS A 6 21.63 43.54 25.92
CA CYS A 6 21.93 42.26 25.28
C CYS A 6 23.38 41.85 25.57
N ALA A 7 24.19 42.84 25.91
CA ALA A 7 25.60 42.65 26.24
C ALA A 7 25.83 41.93 27.58
N LEU A 8 24.85 41.99 28.47
CA LEU A 8 25.00 41.45 29.82
C LEU A 8 25.14 39.93 29.92
N GLY A 9 24.52 39.20 29.00
CA GLY A 9 24.53 37.75 29.11
C GLY A 9 24.33 36.98 27.82
N ALA A 10 24.26 35.66 27.94
CA ALA A 10 24.06 34.76 26.81
C ALA A 10 22.73 35.08 26.15
N ASN A 11 22.67 34.99 24.83
CA ASN A 11 21.50 35.41 24.06
C ASN A 11 20.22 34.85 24.67
N PRO A 12 19.33 35.75 25.10
CA PRO A 12 18.05 35.39 25.75
C PRO A 12 17.00 34.95 24.74
N CYS A 13 17.29 35.09 23.45
CA CYS A 13 16.32 34.74 22.43
C CYS A 13 16.59 33.34 21.92
N GLU A 14 15.64 32.44 22.10
CA GLU A 14 15.82 31.06 21.67
C GLU A 14 15.72 30.93 20.15
N HIS A 15 16.11 29.79 19.62
CA HIS A 15 16.07 29.51 18.19
C HIS A 15 16.75 30.59 17.34
N ALA A 16 17.96 30.97 17.76
CA ALA A 16 18.77 31.96 17.03
C ALA A 16 18.04 33.29 16.80
N GLY A 17 17.21 33.70 17.75
CA GLY A 17 16.54 34.99 17.68
C GLY A 17 17.48 36.16 17.88
N LYS A 18 17.01 37.37 17.56
CA LYS A 18 17.86 38.55 17.62
C LYS A 18 17.48 39.50 18.76
N CYS A 19 18.39 39.63 19.73
CA CYS A 19 18.16 40.51 20.87
C CYS A 19 18.37 41.97 20.46
N LEU A 20 17.41 42.82 20.82
CA LEU A 20 17.50 44.25 20.60
C LEU A 20 17.22 45.02 21.90
N ASN A 21 18.12 45.89 22.33
N ASN A 21 18.09 45.96 22.22
CA ASN A 21 17.84 46.62 23.56
CA ASN A 21 17.90 46.82 23.37
C ASN A 21 16.78 47.68 23.33
C ASN A 21 16.64 47.65 23.24
N THR A 22 15.92 47.84 24.33
CA THR A 22 14.94 48.89 24.37
C THR A 22 15.26 49.65 25.61
N LEU A 23 14.65 50.81 25.81
CA LEU A 23 15.01 51.60 26.96
C LEU A 23 14.60 50.93 28.27
N GLY A 24 15.60 50.59 29.06
CA GLY A 24 15.36 50.21 30.44
C GLY A 24 14.91 48.77 30.52
N SER A 25 14.97 48.07 29.37
CA SER A 25 14.71 46.65 29.29
C SER A 25 15.12 46.11 27.90
N PHE A 26 14.47 45.02 27.42
CA PHE A 26 14.78 44.49 26.08
C PHE A 26 13.70 43.67 25.33
N GLU A 27 13.92 43.43 24.04
CA GLU A 27 13.04 42.53 23.23
C GLU A 27 13.73 41.63 22.16
N CYS A 28 13.05 40.55 21.77
CA CYS A 28 13.58 39.59 20.81
C CYS A 28 12.96 39.75 19.42
N GLN A 29 13.81 39.77 18.39
CA GLN A 29 13.32 39.66 17.02
C GLN A 29 13.51 38.22 16.57
N CYS A 30 12.40 37.50 16.48
CA CYS A 30 12.44 36.05 16.28
C CYS A 30 12.53 35.71 14.81
N LEU A 31 13.25 34.64 14.49
CA LEU A 31 13.24 34.11 13.14
C LEU A 31 11.83 33.62 12.81
N GLN A 32 11.49 33.63 11.52
CA GLN A 32 10.14 33.32 11.07
C GLN A 32 9.69 31.94 11.53
N GLY A 33 8.47 31.87 12.05
CA GLY A 33 7.96 30.63 12.59
C GLY A 33 8.02 30.51 14.10
N TYR A 34 8.66 31.48 14.75
CA TYR A 34 8.76 31.45 16.21
C TYR A 34 8.15 32.69 16.84
N THR A 35 7.53 32.48 18.01
CA THR A 35 6.86 33.55 18.73
C THR A 35 7.11 33.41 20.23
N GLY A 36 6.48 34.28 21.01
CA GLY A 36 6.74 34.34 22.44
C GLY A 36 7.84 35.35 22.68
N PRO A 37 7.92 35.89 23.91
CA PRO A 37 8.86 36.96 24.22
C PRO A 37 10.32 36.60 23.96
N ARG A 38 10.67 35.34 24.20
CA ARG A 38 12.04 34.88 23.99
C ARG A 38 12.10 33.78 22.93
N CYS A 39 11.12 33.81 22.02
CA CYS A 39 11.12 32.97 20.82
C CYS A 39 11.02 31.48 21.11
N GLU A 40 10.49 31.11 22.27
CA GLU A 40 10.50 29.71 22.69
C GLU A 40 9.32 28.90 22.13
N ILE A 41 8.38 29.57 21.47
CA ILE A 41 7.18 28.90 20.97
C ILE A 41 7.14 28.74 19.45
N ASP A 42 6.91 27.50 19.02
CA ASP A 42 6.75 27.18 17.61
C ASP A 42 5.33 27.56 17.19
N VAL A 43 5.25 28.55 16.30
CA VAL A 43 3.97 29.04 15.77
C VAL A 43 3.24 27.93 15.04
N ASN A 44 1.94 27.80 15.29
CA ASN A 44 1.15 26.80 14.57
C ASN A 44 0.50 27.42 13.35
N GLU A 45 1.13 27.22 12.19
CA GLU A 45 0.67 27.79 10.94
C GLU A 45 -0.63 27.15 10.45
N CYS A 46 -1.02 26.04 11.08
CA CYS A 46 -2.23 25.31 10.70
C CYS A 46 -3.48 25.77 11.44
N ILE A 47 -3.34 26.80 12.26
CA ILE A 47 -4.47 27.34 13.01
C ILE A 47 -5.59 27.84 12.11
N SER A 48 -5.24 28.43 10.96
CA SER A 48 -6.26 28.98 10.07
C SER A 48 -6.99 27.92 9.23
N ASN A 49 -6.64 26.65 9.44
CA ASN A 49 -7.29 25.53 8.75
C ASN A 49 -7.34 25.71 7.23
N PRO A 50 -6.18 25.94 6.60
CA PRO A 50 -6.20 26.27 5.17
C PRO A 50 -6.56 25.08 4.28
N CYS A 51 -6.40 23.86 4.79
CA CYS A 51 -6.48 22.67 3.94
C CYS A 51 -7.90 22.14 3.77
N GLN A 52 -8.32 22.01 2.51
CA GLN A 52 -9.67 21.56 2.17
C GLN A 52 -9.74 20.12 1.70
N ASN A 53 -10.97 19.63 1.50
CA ASN A 53 -11.24 18.30 0.97
C ASN A 53 -10.57 17.20 1.78
N ASP A 54 -10.73 17.27 3.09
CA ASP A 54 -10.24 16.27 4.04
C ASP A 54 -8.73 16.11 4.00
N ALA A 55 -8.02 17.15 3.57
CA ALA A 55 -6.57 17.13 3.55
C ALA A 55 -6.01 17.30 4.96
N THR A 56 -4.72 17.05 5.11
CA THR A 56 -4.07 17.15 6.41
C THR A 56 -3.06 18.29 6.43
N CYS A 57 -3.16 19.16 7.43
CA CYS A 57 -2.26 20.29 7.54
C CYS A 57 -1.07 19.93 8.43
N LEU A 58 0.13 20.04 7.87
CA LEU A 58 1.35 19.84 8.65
C LEU A 58 1.90 21.19 9.10
N ASP A 59 1.99 21.39 10.42
CA ASP A 59 2.60 22.62 10.90
C ASP A 59 4.10 22.47 10.85
N GLN A 60 4.75 23.32 10.05
CA GLN A 60 6.20 23.24 9.92
C GLN A 60 6.79 24.56 10.36
N ILE A 61 8.11 24.68 10.26
CA ILE A 61 8.78 25.86 10.79
C ILE A 61 8.71 27.01 9.79
N GLY A 62 7.83 27.97 10.08
CA GLY A 62 7.65 29.16 9.27
C GLY A 62 6.71 29.02 8.08
N GLU A 63 6.02 27.88 8.00
CA GLU A 63 5.21 27.55 6.82
C GLU A 63 4.33 26.33 7.10
N PHE A 64 3.24 26.19 6.33
CA PHE A 64 2.40 25.01 6.45
C PHE A 64 2.42 24.22 5.15
N GLN A 65 2.11 22.94 5.24
CA GLN A 65 1.97 22.12 4.04
C GLN A 65 0.70 21.28 4.11
N CYS A 66 -0.04 21.29 3.01
CA CYS A 66 -1.26 20.49 2.94
C CYS A 66 -0.98 19.21 2.18
N ILE A 67 -1.25 18.09 2.83
CA ILE A 67 -1.12 16.79 2.20
C ILE A 67 -2.50 16.42 1.68
N CYS A 68 -2.60 16.23 0.38
CA CYS A 68 -3.89 16.08 -0.26
C CYS A 68 -4.36 14.65 -0.21
N MET A 69 -5.66 14.47 -0.20
CA MET A 69 -6.22 13.16 -0.46
C MET A 69 -5.90 12.86 -1.92
N PRO A 70 -5.77 11.58 -2.28
CA PRO A 70 -5.44 11.24 -3.67
C PRO A 70 -6.46 11.80 -4.65
N GLY A 71 -5.97 12.42 -5.72
CA GLY A 71 -6.84 13.03 -6.71
C GLY A 71 -7.03 14.53 -6.57
N TYR A 72 -6.43 15.11 -5.54
CA TYR A 72 -6.54 16.56 -5.34
C TYR A 72 -5.16 17.21 -5.40
N GLU A 73 -5.15 18.51 -5.72
CA GLU A 73 -3.90 19.24 -5.89
C GLU A 73 -4.11 20.72 -5.65
N GLY A 74 -3.04 21.49 -5.76
CA GLY A 74 -3.09 22.90 -5.43
C GLY A 74 -2.61 23.14 -4.01
N VAL A 75 -2.33 24.39 -3.69
CA VAL A 75 -1.77 24.76 -2.39
C VAL A 75 -2.72 24.38 -1.25
N TYR A 76 -4.01 24.53 -1.49
CA TYR A 76 -5.01 24.27 -0.46
C TYR A 76 -5.79 22.98 -0.71
N CYS A 77 -5.29 22.16 -1.63
CA CYS A 77 -5.99 20.95 -2.08
C CYS A 77 -7.37 21.32 -2.58
N GLU A 78 -7.46 22.48 -3.23
CA GLU A 78 -8.72 23.05 -3.64
C GLU A 78 -9.06 22.66 -5.07
N ILE A 79 -8.13 21.97 -5.72
CA ILE A 79 -8.30 21.56 -7.11
C ILE A 79 -8.47 20.06 -7.25
N ASN A 80 -9.54 19.67 -7.93
CA ASN A 80 -9.76 18.28 -8.32
C ASN A 80 -9.04 18.01 -9.63
N THR A 81 -8.01 17.17 -9.60
CA THR A 81 -7.21 16.88 -10.78
C THR A 81 -8.05 16.28 -11.90
N ASP A 82 -7.94 16.86 -13.09
CA ASP A 82 -8.71 16.39 -14.24
C ASP A 82 -7.97 15.25 -14.93
N GLU A 83 -8.37 14.03 -14.63
CA GLU A 83 -7.70 12.85 -15.17
C GLU A 83 -7.99 12.66 -16.66
N CYS A 84 -8.97 13.39 -17.18
CA CYS A 84 -9.33 13.29 -18.60
C CYS A 84 -8.72 14.38 -19.48
N ALA A 85 -7.82 15.18 -18.90
CA ALA A 85 -7.25 16.33 -19.60
C ALA A 85 -6.45 15.94 -20.84
N SER A 86 -5.79 14.79 -20.79
CA SER A 86 -4.93 14.34 -21.88
C SER A 86 -5.71 13.61 -22.96
N SER A 87 -7.02 13.53 -22.80
CA SER A 87 -7.90 12.77 -23.70
C SER A 87 -7.45 11.31 -23.87
N PRO A 88 -7.43 10.55 -22.77
CA PRO A 88 -6.91 9.17 -22.80
C PRO A 88 -7.75 8.17 -23.60
N CYS A 89 -9.07 8.35 -23.65
CA CYS A 89 -9.97 7.36 -24.25
C CYS A 89 -9.89 7.29 -25.78
N LEU A 90 -9.74 6.07 -26.30
CA LEU A 90 -9.63 5.84 -27.74
C LEU A 90 -10.95 5.41 -28.38
N HIS A 91 -10.97 5.42 -29.72
CA HIS A 91 -12.14 5.02 -30.51
C HIS A 91 -13.39 5.77 -30.08
N ASN A 92 -13.20 7.05 -29.77
CA ASN A 92 -14.25 7.97 -29.37
C ASN A 92 -15.07 7.50 -28.18
N GLY A 93 -14.39 6.88 -27.22
CA GLY A 93 -14.98 6.56 -25.94
C GLY A 93 -15.15 7.83 -25.13
N ARG A 94 -15.95 7.76 -24.08
CA ARG A 94 -16.19 8.93 -23.23
C ARG A 94 -15.42 8.87 -21.92
N CYS A 95 -14.50 9.82 -21.75
CA CYS A 95 -13.75 9.89 -20.50
C CYS A 95 -14.61 10.51 -19.40
N VAL A 96 -14.63 9.86 -18.25
CA VAL A 96 -15.30 10.43 -17.08
C VAL A 96 -14.29 10.71 -15.97
N ASP A 97 -14.14 11.98 -15.61
CA ASP A 97 -13.19 12.35 -14.57
C ASP A 97 -13.70 11.96 -13.19
N LYS A 98 -12.94 11.11 -12.51
CA LYS A 98 -13.33 10.67 -11.18
C LYS A 98 -12.28 11.10 -10.15
N ILE A 99 -12.35 10.50 -8.96
CA ILE A 99 -11.43 10.84 -7.88
C ILE A 99 -10.13 10.03 -8.00
N ASN A 100 -9.08 10.70 -8.43
CA ASN A 100 -7.76 10.12 -8.69
C ASN A 100 -7.85 9.02 -9.72
N GLU A 101 -8.86 9.12 -10.57
CA GLU A 101 -9.19 8.11 -11.55
C GLU A 101 -9.88 8.72 -12.77
N PHE A 102 -10.04 7.90 -13.80
CA PHE A 102 -10.73 8.28 -15.03
C PHE A 102 -11.39 7.05 -15.60
N LEU A 103 -12.69 7.10 -15.94
CA LEU A 103 -13.35 5.92 -16.49
C LEU A 103 -13.71 6.17 -17.95
N CYS A 104 -13.37 5.23 -18.84
CA CYS A 104 -13.69 5.38 -20.25
C CYS A 104 -14.91 4.53 -20.58
N GLN A 105 -15.97 5.16 -21.07
CA GLN A 105 -17.18 4.42 -21.44
C GLN A 105 -17.19 4.19 -22.93
N CYS A 106 -16.98 2.94 -23.33
CA CYS A 106 -16.89 2.54 -24.72
C CYS A 106 -18.23 2.44 -25.44
N PRO A 107 -18.21 2.80 -26.71
CA PRO A 107 -19.34 2.55 -27.61
C PRO A 107 -19.43 1.05 -27.85
N LYS A 108 -20.58 0.58 -28.28
CA LYS A 108 -20.82 -0.85 -28.40
C LYS A 108 -19.80 -1.56 -29.29
N GLY A 109 -19.35 -2.71 -28.83
CA GLY A 109 -18.37 -3.53 -29.51
C GLY A 109 -16.93 -3.23 -29.18
N PHE A 110 -16.69 -2.25 -28.32
CA PHE A 110 -15.34 -1.89 -27.92
C PHE A 110 -15.16 -2.22 -26.45
N SER A 111 -13.95 -2.59 -26.05
CA SER A 111 -13.71 -2.92 -24.66
C SER A 111 -12.27 -2.58 -24.31
N GLY A 112 -11.92 -2.71 -23.04
CA GLY A 112 -10.58 -2.39 -22.59
C GLY A 112 -10.65 -1.13 -21.76
N HIS A 113 -9.55 -0.80 -21.09
CA HIS A 113 -9.53 0.39 -20.24
C HIS A 113 -9.70 1.67 -21.08
N LEU A 114 -8.98 1.75 -22.20
CA LEU A 114 -9.08 2.93 -23.06
C LEU A 114 -10.03 2.73 -24.25
N CYS A 115 -10.88 1.71 -24.16
CA CYS A 115 -11.87 1.38 -25.20
C CYS A 115 -11.33 1.26 -26.64
N GLN A 116 -10.26 0.49 -26.80
CA GLN A 116 -9.49 0.41 -28.05
C GLN A 116 -9.42 -1.02 -28.68
N SER A 117 -10.52 -1.78 -28.66
CA SER A 117 -10.45 -3.20 -29.04
C SER A 117 -11.57 -3.54 -29.99
N GLY A 118 -11.55 -4.77 -30.50
CA GLY A 118 -12.42 -5.13 -31.59
C GLY A 118 -13.89 -4.81 -31.38
N SER B 2 14.45 19.02 14.70
CA SER B 2 13.31 18.20 15.07
C SER B 2 12.92 18.43 16.53
N SER B 3 11.63 18.61 16.78
CA SER B 3 11.14 18.83 18.13
C SER B 3 10.58 17.56 18.76
N SER B 4 10.21 16.59 17.93
CA SER B 4 9.69 15.32 18.43
C SER B 4 10.24 14.12 17.66
N ILE B 5 10.18 12.96 18.29
CA ILE B 5 10.73 11.73 17.72
C ILE B 5 9.76 10.56 17.81
N PHE B 6 9.56 9.87 16.69
CA PHE B 6 8.77 8.65 16.71
C PHE B 6 9.73 7.50 17.03
N GLN B 7 9.44 6.79 18.11
CA GLN B 7 10.32 5.70 18.54
C GLN B 7 9.60 4.38 18.39
N LEU B 8 10.28 3.41 17.79
CA LEU B 8 9.67 2.11 17.53
C LEU B 8 10.59 1.02 18.07
N ARG B 9 10.07 0.21 18.98
CA ARG B 9 10.86 -0.86 19.57
C ARG B 9 10.40 -2.22 19.05
N LEU B 10 11.33 -2.92 18.38
CA LEU B 10 11.07 -4.24 17.87
C LEU B 10 11.40 -5.25 18.96
N GLN B 11 10.46 -6.14 19.28
CA GLN B 11 10.62 -6.99 20.45
C GLN B 11 10.79 -8.48 20.14
N GLU B 12 9.95 -9.01 19.25
CA GLU B 12 10.04 -10.42 18.88
C GLU B 12 9.55 -10.70 17.46
N PHE B 13 10.27 -11.58 16.77
CA PHE B 13 9.86 -12.01 15.44
C PHE B 13 9.96 -13.53 15.32
N ALA B 14 8.93 -14.14 14.76
CA ALA B 14 8.94 -15.58 14.55
C ALA B 14 8.74 -15.93 13.09
N ASN B 15 9.64 -16.76 12.57
CA ASN B 15 9.51 -17.32 11.23
C ASN B 15 10.06 -18.75 11.27
N GLU B 16 9.31 -19.64 11.91
CA GLU B 16 9.84 -20.95 12.27
C GLU B 16 10.20 -21.86 11.12
N ARG B 17 9.52 -21.72 9.99
CA ARG B 17 9.83 -22.55 8.83
C ARG B 17 10.74 -21.85 7.83
N GLY B 18 11.15 -20.64 8.16
CA GLY B 18 12.11 -19.90 7.36
C GLY B 18 11.70 -19.72 5.91
N MET B 19 10.50 -19.18 5.70
CA MET B 19 9.94 -19.08 4.37
C MET B 19 9.94 -17.65 3.85
N LEU B 20 9.99 -17.50 2.53
CA LEU B 20 9.82 -16.20 1.91
C LEU B 20 8.36 -15.97 1.54
N ALA B 21 8.03 -14.74 1.17
CA ALA B 21 6.68 -14.41 0.76
C ALA B 21 6.27 -15.19 -0.48
N ASN B 22 7.21 -15.37 -1.41
CA ASN B 22 6.94 -16.13 -2.62
C ASN B 22 6.81 -17.64 -2.40
N GLY B 23 6.89 -18.09 -1.15
CA GLY B 23 6.77 -19.51 -0.85
C GLY B 23 8.07 -20.30 -0.84
N ARG B 24 9.15 -19.69 -1.29
CA ARG B 24 10.44 -20.38 -1.29
C ARG B 24 11.07 -20.30 0.09
N PRO B 25 11.75 -21.37 0.52
CA PRO B 25 12.41 -21.28 1.82
C PRO B 25 13.65 -20.41 1.74
N CYS B 26 13.90 -19.62 2.78
CA CYS B 26 15.15 -18.88 2.89
C CYS B 26 16.29 -19.88 3.02
N GLU B 27 17.39 -19.61 2.35
CA GLU B 27 18.47 -20.59 2.34
C GLU B 27 19.78 -19.97 2.79
N PRO B 28 20.36 -20.51 3.87
CA PRO B 28 19.81 -21.62 4.65
C PRO B 28 18.75 -21.19 5.67
N GLY B 29 18.75 -19.90 6.01
CA GLY B 29 17.82 -19.37 7.00
C GLY B 29 17.44 -17.97 6.60
N CYS B 30 16.40 -17.42 7.22
CA CYS B 30 15.95 -16.08 6.85
C CYS B 30 16.70 -15.05 7.65
N ARG B 31 17.66 -14.41 6.99
CA ARG B 31 18.52 -13.42 7.60
C ARG B 31 17.78 -12.10 7.54
N THR B 32 17.17 -11.75 8.66
CA THR B 32 16.07 -10.81 8.68
C THR B 32 16.47 -9.40 9.09
N PHE B 33 16.14 -8.43 8.24
CA PHE B 33 16.27 -7.03 8.58
C PHE B 33 14.91 -6.37 8.32
N PHE B 34 14.74 -5.15 8.78
CA PHE B 34 13.43 -4.52 8.74
C PHE B 34 13.44 -3.18 8.02
N ARG B 35 12.30 -2.89 7.40
CA ARG B 35 12.08 -1.61 6.75
C ARG B 35 10.88 -0.89 7.34
N ILE B 36 11.06 0.38 7.69
CA ILE B 36 9.98 1.09 8.36
C ILE B 36 9.54 2.25 7.47
N CYS B 37 8.23 2.33 7.22
CA CYS B 37 7.68 3.44 6.47
C CYS B 37 6.62 4.13 7.31
N LEU B 38 6.89 5.37 7.70
CA LEU B 38 5.95 6.12 8.50
C LEU B 38 5.32 7.21 7.65
N MLY B 39 4.01 7.38 7.75
CA MLY B 39 3.33 8.40 6.98
CB MLY B 39 3.06 7.92 5.55
CG MLY B 39 2.42 6.54 5.42
CD MLY B 39 2.77 5.93 4.06
CE MLY B 39 1.68 5.00 3.53
NZ MLY B 39 1.97 3.56 3.74
CH1 MLY B 39 0.68 2.93 4.01
CH2 MLY B 39 2.43 3.03 2.45
C MLY B 39 2.04 8.86 7.65
O MLY B 39 1.65 8.35 8.71
N HIS B 40 1.38 9.84 7.04
CA HIS B 40 0.13 10.38 7.55
C HIS B 40 -0.98 9.35 7.45
N TYR B 41 -2.00 9.51 8.28
CA TYR B 41 -3.12 8.58 8.31
C TYR B 41 -3.83 8.58 6.96
N GLN B 42 -4.04 7.38 6.41
CA GLN B 42 -4.85 7.24 5.19
C GLN B 42 -5.62 5.95 5.23
N ALA B 43 -6.93 6.07 5.09
CA ALA B 43 -7.81 4.92 5.06
C ALA B 43 -7.86 4.27 3.69
N THR B 44 -7.79 5.07 2.63
CA THR B 44 -7.87 4.56 1.28
C THR B 44 -6.68 3.65 1.01
N PHE B 45 -6.73 2.90 -0.09
CA PHE B 45 -5.62 2.02 -0.43
C PHE B 45 -4.36 2.87 -0.54
N SER B 46 -3.23 2.31 -0.11
CA SER B 46 -2.02 3.08 0.06
C SER B 46 -1.54 3.71 -1.22
N GLU B 47 -1.27 5.01 -1.17
CA GLU B 47 -0.75 5.75 -2.30
C GLU B 47 0.50 6.50 -1.88
N GLY B 48 1.53 6.42 -2.70
CA GLY B 48 2.67 7.31 -2.56
C GLY B 48 3.69 6.98 -1.48
N PRO B 49 4.66 7.89 -1.28
CA PRO B 49 5.88 7.73 -0.50
C PRO B 49 5.69 7.84 1.02
N CYS B 50 6.77 7.57 1.74
CA CYS B 50 6.77 7.63 3.20
C CYS B 50 6.93 9.08 3.65
N THR B 51 5.80 9.78 3.80
CA THR B 51 5.80 11.22 4.02
C THR B 51 6.34 11.67 5.37
N PHE B 52 6.29 10.78 6.37
CA PHE B 52 6.80 11.12 7.69
C PHE B 52 8.23 10.62 7.87
N GLY B 53 8.73 9.90 6.86
CA GLY B 53 10.08 9.38 6.92
C GLY B 53 10.14 7.86 6.88
N ASN B 54 11.32 7.34 6.53
CA ASN B 54 11.54 5.91 6.50
C ASN B 54 12.94 5.56 6.98
N VAL B 55 13.11 4.33 7.46
CA VAL B 55 14.41 3.88 7.91
C VAL B 55 14.53 2.36 7.78
N SER B 56 15.76 1.88 7.62
CA SER B 56 16.03 0.46 7.51
C SER B 56 17.03 0.04 8.58
N THR B 57 16.94 -1.23 8.98
CA THR B 57 17.82 -1.77 10.00
C THR B 57 18.81 -2.75 9.38
N PRO B 58 19.92 -3.01 10.08
CA PRO B 58 20.75 -4.14 9.66
C PRO B 58 20.06 -5.45 10.04
N VAL B 59 20.65 -6.58 9.69
CA VAL B 59 20.05 -7.86 10.06
C VAL B 59 20.13 -8.06 11.58
N LEU B 60 18.99 -8.37 12.18
CA LEU B 60 18.88 -8.48 13.63
C LEU B 60 18.88 -9.93 14.09
N GLY B 61 18.59 -10.85 13.18
CA GLY B 61 18.55 -12.26 13.51
C GLY B 61 18.23 -13.16 12.33
N THR B 62 18.22 -14.47 12.60
CA THR B 62 17.88 -15.46 11.59
C THR B 62 16.64 -16.24 12.00
N ASN B 63 15.67 -16.32 11.10
CA ASN B 63 14.39 -16.99 11.35
C ASN B 63 13.65 -16.41 12.56
N SER B 64 13.47 -17.21 13.60
CA SER B 64 12.87 -16.71 14.85
C SER B 64 13.89 -16.14 15.82
N PHE B 65 13.59 -15.00 16.41
CA PHE B 65 14.49 -14.39 17.40
C PHE B 65 13.83 -13.29 18.24
N VAL B 66 14.33 -13.12 19.47
CA VAL B 66 13.93 -12.01 20.32
C VAL B 66 14.86 -10.83 20.05
N ILE B 67 14.30 -9.63 19.91
CA ILE B 67 15.14 -8.45 19.66
C ILE B 67 15.31 -7.60 20.91
N ARG B 68 16.56 -7.37 21.32
CA ARG B 68 16.83 -6.55 22.49
C ARG B 68 17.35 -5.17 22.13
N ASP B 69 17.13 -4.25 23.06
CA ASP B 69 17.53 -2.87 22.92
C ASP B 69 19.04 -2.66 22.89
N LYS B 70 19.43 -1.59 22.21
CA LYS B 70 20.82 -1.18 22.08
C LYS B 70 20.82 0.35 22.11
N ASN B 71 21.08 0.93 23.28
CA ASN B 71 21.09 2.39 23.42
C ASN B 71 21.93 3.07 22.37
N SER B 72 23.18 2.63 22.23
CA SER B 72 24.05 3.22 21.23
C SER B 72 24.25 2.27 20.06
N GLY B 75 22.30 -0.52 14.25
CA GLY B 75 21.48 -1.64 14.64
C GLY B 75 20.62 -1.29 15.82
N ARG B 76 20.46 0.03 15.99
CA ARG B 76 19.85 0.60 17.18
C ARG B 76 18.43 0.16 17.38
N ASN B 77 18.03 0.04 18.65
CA ASN B 77 16.68 -0.30 19.07
C ASN B 77 16.43 0.26 20.47
N PRO B 78 15.40 1.10 20.62
CA PRO B 78 14.40 1.53 19.62
C PRO B 78 14.93 2.35 18.43
N LEU B 79 14.25 2.20 17.28
CA LEU B 79 14.56 3.01 16.10
C LEU B 79 14.08 4.44 16.32
N GLN B 80 14.74 5.40 15.68
CA GLN B 80 14.38 6.80 15.83
C GLN B 80 14.00 7.44 14.49
N LEU B 81 12.82 8.06 14.44
CA LEU B 81 12.46 8.90 13.31
C LEU B 81 12.16 10.32 13.75
N PRO B 82 13.13 11.24 13.61
CA PRO B 82 12.97 12.64 14.00
C PRO B 82 12.05 13.38 13.02
N LEU B 83 11.16 14.20 13.55
CA LEU B 83 10.09 14.78 12.73
C LEU B 83 10.24 16.27 12.41
N ASN B 84 10.06 16.60 11.14
CA ASN B 84 10.11 17.98 10.63
C ASN B 84 8.87 18.82 10.92
N PHE B 85 7.93 18.26 11.66
CA PHE B 85 6.64 18.91 11.89
C PHE B 85 6.08 18.65 13.28
N THR B 86 5.10 19.43 13.67
CA THR B 86 4.36 19.14 14.91
C THR B 86 3.57 17.85 14.68
N TRP B 87 3.51 16.98 15.69
CA TRP B 87 2.86 15.68 15.55
C TRP B 87 1.36 15.85 15.31
N PRO B 88 0.87 15.32 14.19
CA PRO B 88 -0.53 15.47 13.77
C PRO B 88 -1.52 14.80 14.72
N GLY B 89 -1.09 13.76 15.42
CA GLY B 89 -1.96 13.05 16.35
C GLY B 89 -2.43 11.73 15.78
N THR B 90 -2.37 11.60 14.45
CA THR B 90 -2.68 10.33 13.79
C THR B 90 -1.58 9.97 12.79
N PHE B 91 -1.56 8.71 12.39
CA PHE B 91 -0.46 8.20 11.57
C PHE B 91 -0.80 6.91 10.83
N SER B 92 0.08 6.54 9.91
CA SER B 92 0.08 5.20 9.31
C SER B 92 1.49 4.62 9.48
N LEU B 93 1.56 3.33 9.81
CA LEU B 93 2.85 2.68 9.96
C LEU B 93 2.92 1.37 9.19
N ASN B 94 3.96 1.24 8.39
CA ASN B 94 4.18 0.04 7.61
C ASN B 94 5.53 -0.59 7.97
N ILE B 95 5.49 -1.82 8.46
CA ILE B 95 6.71 -2.54 8.81
C ILE B 95 6.89 -3.75 7.91
N GLN B 96 8.03 -3.81 7.23
CA GLN B 96 8.32 -4.91 6.32
C GLN B 96 9.47 -5.77 6.84
N ALA B 97 9.30 -7.08 6.76
CA ALA B 97 10.38 -8.00 7.12
C ALA B 97 11.02 -8.58 5.86
N TRP B 98 12.33 -8.48 5.78
CA TRP B 98 13.05 -8.89 4.56
C TRP B 98 14.17 -9.88 4.83
N HIS B 99 14.55 -10.61 3.79
CA HIS B 99 15.72 -11.48 3.83
C HIS B 99 16.78 -10.97 2.88
N THR B 100 18.03 -10.92 3.32
CA THR B 100 19.10 -10.53 2.42
C THR B 100 20.12 -11.66 2.36
N PRO B 101 20.58 -11.99 1.15
CA PRO B 101 21.65 -12.98 1.00
C PRO B 101 23.03 -12.36 1.11
N GLY B 102 23.11 -11.03 1.12
CA GLY B 102 24.40 -10.36 1.16
C GLY B 102 24.86 -10.00 2.56
N ASP B 103 25.88 -9.16 2.64
CA ASP B 103 26.43 -8.71 3.91
C ASP B 103 25.49 -7.70 4.57
N ASP B 104 25.50 -7.67 5.91
CA ASP B 104 24.62 -6.82 6.71
C ASP B 104 24.82 -5.31 6.72
N LEU B 105 25.87 -4.82 6.08
CA LEU B 105 26.07 -3.37 5.99
C LEU B 105 25.16 -2.77 4.93
N ARG B 106 24.21 -1.96 5.39
CA ARG B 106 23.17 -1.40 4.53
C ARG B 106 22.56 -2.50 3.65
N PRO B 107 21.84 -3.45 4.26
CA PRO B 107 21.25 -4.54 3.49
C PRO B 107 20.26 -4.01 2.47
N GLU B 108 19.76 -2.80 2.69
CA GLU B 108 18.76 -2.20 1.81
C GLU B 108 19.35 -1.96 0.42
N THR B 109 20.67 -1.77 0.35
CA THR B 109 21.35 -1.53 -0.92
C THR B 109 21.68 -2.81 -1.68
N SER B 110 21.45 -3.96 -1.04
CA SER B 110 21.78 -5.26 -1.62
C SER B 110 20.79 -5.71 -2.70
N PRO B 111 21.30 -6.32 -3.78
CA PRO B 111 20.51 -6.67 -4.97
C PRO B 111 19.64 -7.92 -4.86
N GLY B 112 19.94 -8.83 -3.94
CA GLY B 112 19.25 -10.11 -3.89
C GLY B 112 18.08 -10.23 -2.92
N ASN B 113 17.68 -9.11 -2.33
CA ASN B 113 16.68 -9.12 -1.25
C ASN B 113 15.31 -9.63 -1.65
N SER B 114 14.71 -10.41 -0.75
N SER B 114 14.65 -10.26 -0.69
CA SER B 114 13.35 -10.92 -0.94
CA SER B 114 13.36 -10.86 -0.94
C SER B 114 12.50 -10.67 0.30
C SER B 114 12.48 -10.74 0.28
N LEU B 115 11.26 -10.23 0.07
CA LEU B 115 10.33 -9.94 1.16
C LEU B 115 9.89 -11.20 1.90
N ILE B 116 9.77 -11.09 3.23
CA ILE B 116 9.28 -12.19 4.04
C ILE B 116 7.80 -11.99 4.34
N SER B 117 7.48 -10.88 4.98
CA SER B 117 6.10 -10.50 5.26
C SER B 117 6.05 -9.04 5.70
N GLN B 118 4.86 -8.48 5.79
CA GLN B 118 4.71 -7.09 6.20
C GLN B 118 3.38 -6.85 6.86
N ILE B 119 3.32 -5.82 7.68
CA ILE B 119 2.09 -5.44 8.36
C ILE B 119 1.83 -3.97 8.11
N ILE B 120 0.60 -3.56 8.34
CA ILE B 120 0.20 -2.17 8.15
C ILE B 120 -0.76 -1.77 9.26
N ILE B 121 -0.41 -0.72 9.99
CA ILE B 121 -1.28 -0.21 11.03
C ILE B 121 -1.52 1.28 10.87
N GLN B 122 -2.61 1.75 11.49
CA GLN B 122 -2.96 3.15 11.51
C GLN B 122 -3.72 3.44 12.79
N GLY B 123 -3.69 4.67 13.26
CA GLY B 123 -4.41 5.01 14.47
C GLY B 123 -4.03 6.35 15.09
N SER B 124 -4.44 6.52 16.34
CA SER B 124 -4.18 7.76 17.06
C SER B 124 -3.06 7.55 18.09
N LEU B 125 -2.17 8.52 18.20
CA LEU B 125 -1.13 8.48 19.21
C LEU B 125 -0.87 9.85 19.81
N ALA B 126 -0.81 9.91 21.14
CA ALA B 126 -0.48 11.14 21.82
C ALA B 126 0.99 11.12 22.21
N VAL B 127 1.62 12.29 22.22
CA VAL B 127 2.97 12.42 22.71
C VAL B 127 3.01 12.01 24.19
N GLY B 128 3.94 11.13 24.53
CA GLY B 128 4.09 10.66 25.90
C GLY B 128 5.12 9.56 26.02
N MLY B 129 5.54 9.28 27.25
CA MLY B 129 6.57 8.27 27.47
CB MLY B 129 7.37 8.58 28.75
CG MLY B 129 8.35 9.75 28.61
CD MLY B 129 9.51 9.65 29.58
CE MLY B 129 10.21 8.30 29.46
NZ MLY B 129 11.68 8.40 29.59
CH1 MLY B 129 12.18 7.04 29.87
CH2 MLY B 129 12.20 8.76 28.27
C MLY B 129 6.04 6.83 27.52
O MLY B 129 6.82 5.89 27.45
N ASN B 130 4.73 6.68 27.66
CA ASN B 130 4.13 5.35 27.67
C ASN B 130 4.25 4.65 26.33
N TRP B 131 4.70 3.40 26.37
CA TRP B 131 4.82 2.59 25.17
C TRP B 131 3.49 1.93 24.83
N LYS B 132 3.05 2.08 23.60
CA LYS B 132 1.84 1.41 23.14
C LYS B 132 2.27 0.10 22.48
N SER B 133 1.67 -1.00 22.91
CA SER B 133 2.15 -2.32 22.55
C SER B 133 1.21 -3.04 21.58
N ASP B 134 1.78 -3.75 20.62
CA ASP B 134 1.01 -4.42 19.57
C ASP B 134 1.62 -5.77 19.18
N GLU B 135 0.77 -6.69 18.73
CA GLU B 135 1.24 -7.96 18.17
C GLU B 135 0.52 -8.26 16.86
N GLN B 136 1.24 -8.84 15.90
CA GLN B 136 0.61 -9.28 14.65
C GLN B 136 0.93 -10.75 14.40
N ASN B 137 -0.08 -11.60 14.51
CA ASN B 137 0.08 -13.04 14.27
C ASN B 137 -0.53 -13.47 12.95
N ASN B 138 0.21 -14.22 12.15
CA ASN B 138 -0.38 -14.92 11.02
C ASN B 138 0.18 -16.34 11.01
N THR B 139 -0.29 -17.18 10.10
CA THR B 139 0.07 -18.59 10.13
C THR B 139 1.56 -18.83 9.88
N LEU B 140 2.19 -17.96 9.09
CA LEU B 140 3.62 -18.10 8.82
C LEU B 140 4.50 -17.33 9.82
N THR B 141 4.21 -16.06 10.04
CA THR B 141 5.09 -15.22 10.86
C THR B 141 4.37 -14.50 12.00
N ARG B 142 5.14 -14.06 12.98
CA ARG B 142 4.62 -13.26 14.10
C ARG B 142 5.55 -12.08 14.36
N LEU B 143 4.97 -10.91 14.63
CA LEU B 143 5.78 -9.75 14.98
C LEU B 143 5.24 -9.07 16.24
N ARG B 144 6.14 -8.83 17.19
CA ARG B 144 5.81 -8.19 18.46
C ARG B 144 6.59 -6.88 18.56
N TYR B 145 5.91 -5.77 18.86
CA TYR B 145 6.60 -4.49 18.94
C TYR B 145 5.83 -3.47 19.78
N SER B 146 6.46 -2.33 20.02
CA SER B 146 5.82 -1.22 20.70
C SER B 146 6.39 0.11 20.21
N TYR B 147 5.62 1.19 20.37
CA TYR B 147 6.02 2.48 19.84
C TYR B 147 5.49 3.65 20.66
N ARG B 148 6.08 4.83 20.44
CA ARG B 148 5.65 6.05 21.10
C ARG B 148 6.17 7.28 20.36
N VAL B 149 5.65 8.45 20.72
CA VAL B 149 6.22 9.71 20.26
C VAL B 149 6.60 10.56 21.45
N VAL B 150 7.89 10.91 21.54
CA VAL B 150 8.37 11.73 22.64
C VAL B 150 9.09 12.97 22.13
N CYS B 151 9.21 13.98 22.98
CA CYS B 151 9.86 15.22 22.59
C CYS B 151 11.37 15.04 22.46
N SER B 152 12.00 15.91 21.68
CA SER B 152 13.46 15.99 21.63
C SER B 152 13.96 16.64 22.93
N ASP B 153 15.27 16.57 23.19
CA ASP B 153 15.84 17.23 24.37
C ASP B 153 15.56 18.72 24.31
N ASN B 154 15.06 19.26 25.43
CA ASN B 154 14.67 20.67 25.63
C ASN B 154 13.32 21.09 24.99
N TYR B 155 12.56 20.16 24.41
CA TYR B 155 11.21 20.50 23.94
C TYR B 155 10.19 19.89 24.91
N TYR B 156 9.11 20.61 25.13
CA TYR B 156 8.12 20.20 26.11
C TYR B 156 6.70 20.52 25.65
N GLY B 157 5.73 20.00 26.39
CA GLY B 157 4.33 20.23 26.07
C GLY B 157 3.73 19.11 25.26
N ASP B 158 2.39 19.09 25.22
CA ASP B 158 1.62 18.03 24.60
C ASP B 158 1.86 17.91 23.08
N SER B 159 2.38 18.98 22.49
CA SER B 159 2.71 18.94 21.06
C SER B 159 4.20 19.23 20.83
N CYS B 160 4.97 19.23 21.92
CA CYS B 160 6.42 19.42 21.88
C CYS B 160 6.79 20.76 21.26
N SER B 161 5.91 21.74 21.42
CA SER B 161 6.08 23.03 20.75
C SER B 161 6.71 24.09 21.65
N ARG B 162 7.00 23.73 22.89
CA ARG B 162 7.54 24.72 23.82
C ARG B 162 8.96 24.35 24.25
N LEU B 163 9.89 25.28 24.04
CA LEU B 163 11.29 25.04 24.33
C LEU B 163 11.69 25.64 25.67
N CYS B 164 12.32 24.84 26.51
CA CYS B 164 12.87 25.33 27.76
C CYS B 164 14.32 24.89 27.93
N MLY B 165 15.21 25.84 28.17
CA MLY B 165 16.61 25.54 28.45
CB MLY B 165 17.49 25.96 27.28
CG MLY B 165 17.20 25.23 25.99
CD MLY B 165 18.04 25.78 24.84
CE MLY B 165 19.52 25.52 25.07
NZ MLY B 165 20.35 26.51 24.34
CH1 MLY B 165 21.55 26.72 25.16
CH2 MLY B 165 20.79 25.87 23.10
C MLY B 165 17.02 26.25 29.73
O MLY B 165 16.87 27.47 29.85
N MLY B 166 17.54 25.48 30.68
CA MLY B 166 17.85 25.99 32.02
CB MLY B 166 18.24 24.85 32.97
CG MLY B 166 19.69 24.37 32.88
CD MLY B 166 19.84 22.97 33.47
CE MLY B 166 21.29 22.63 33.80
NZ MLY B 166 21.54 21.15 33.93
CH1 MLY B 166 22.83 21.00 34.60
CH2 MLY B 166 20.53 20.60 34.84
C MLY B 166 18.94 27.08 31.99
O MLY B 166 19.87 27.03 31.20
N ARG B 167 18.75 28.07 32.85
CA ARG B 167 19.66 29.20 32.94
C ARG B 167 20.03 29.47 34.39
N ASP B 168 21.24 29.98 34.60
CA ASP B 168 21.59 30.57 35.89
C ASP B 168 22.47 31.79 35.67
N ASP B 169 21.91 32.80 35.03
CA ASP B 169 22.63 34.05 34.77
C ASP B 169 21.68 35.25 34.82
N HIS B 170 22.11 36.35 34.23
CA HIS B 170 21.38 37.62 34.30
C HIS B 170 19.94 37.52 33.78
N PHE B 171 19.74 36.74 32.73
CA PHE B 171 18.42 36.62 32.13
C PHE B 171 17.46 35.65 32.83
N GLY B 172 17.99 34.73 33.63
CA GLY B 172 17.13 33.86 34.41
C GLY B 172 17.83 32.87 35.30
N HIS B 173 17.12 32.40 36.32
CA HIS B 173 17.63 31.38 37.23
C HIS B 173 16.55 30.33 37.45
N TYR B 174 16.54 29.30 36.61
CA TYR B 174 15.45 28.33 36.65
C TYR B 174 15.84 26.96 36.13
N GLU B 175 15.01 25.97 36.44
CA GLU B 175 15.13 24.64 35.88
C GLU B 175 13.93 24.47 34.95
N CYS B 176 13.78 23.30 34.35
CA CYS B 176 12.69 23.11 33.42
C CYS B 176 11.70 22.10 33.96
N GLN B 177 10.44 22.52 34.04
CA GLN B 177 9.36 21.63 34.44
C GLN B 177 8.91 20.77 33.27
N PRO B 178 8.19 19.67 33.55
CA PRO B 178 7.71 18.78 32.50
C PRO B 178 6.87 19.46 31.42
N ASP B 179 6.18 20.56 31.77
CA ASP B 179 5.36 21.26 30.77
C ASP B 179 6.16 22.34 30.02
N GLY B 180 7.43 22.47 30.36
CA GLY B 180 8.30 23.43 29.70
C GLY B 180 8.35 24.79 30.36
N SER B 181 7.56 24.97 31.41
CA SER B 181 7.59 26.21 32.17
C SER B 181 8.79 26.20 33.10
N PRO B 182 9.46 27.35 33.25
CA PRO B 182 10.59 27.48 34.16
C PRO B 182 10.21 27.25 35.62
N SER B 183 11.07 26.52 36.34
CA SER B 183 10.90 26.33 37.78
C SER B 183 11.97 27.11 38.53
N CYS B 184 11.56 28.21 39.17
CA CYS B 184 12.51 29.15 39.77
C CYS B 184 13.39 28.55 40.86
N LEU B 185 14.69 28.85 40.76
CA LEU B 185 15.62 28.53 41.84
C LEU B 185 15.23 29.40 43.04
N PRO B 186 15.63 28.99 44.26
CA PRO B 186 15.24 29.74 45.45
C PRO B 186 15.66 31.21 45.42
N GLY B 187 14.73 32.10 45.76
CA GLY B 187 15.01 33.53 45.81
C GLY B 187 14.69 34.30 44.54
N TRP B 188 14.12 33.63 43.55
CA TRP B 188 13.77 34.29 42.30
C TRP B 188 12.31 34.06 41.92
N THR B 189 11.78 34.94 41.07
CA THR B 189 10.38 34.89 40.67
C THR B 189 10.21 35.55 39.30
N GLY B 190 8.97 35.60 38.83
CA GLY B 190 8.70 36.08 37.48
C GLY B 190 8.63 34.89 36.55
N MLY B 191 8.10 35.09 35.35
CA MLY B 191 7.95 34.00 34.37
CB MLY B 191 7.26 34.53 33.09
CG MLY B 191 7.30 33.56 31.90
CD MLY B 191 5.94 32.96 31.60
CE MLY B 191 5.29 33.59 30.36
NZ MLY B 191 5.71 32.93 29.09
CH1 MLY B 191 5.01 31.64 29.03
CH2 MLY B 191 5.15 33.74 27.99
C MLY B 191 9.28 33.36 34.00
O MLY B 191 9.37 32.15 33.88
N TYR B 192 10.30 34.19 33.84
CA TYR B 192 11.61 33.69 33.44
C TYR B 192 12.57 33.69 34.61
N CYS B 193 12.01 33.85 35.80
CA CYS B 193 12.77 33.75 37.04
C CYS B 193 13.91 34.76 37.05
N ASP B 194 13.66 35.96 36.54
CA ASP B 194 14.68 37.01 36.48
C ASP B 194 14.37 38.11 37.50
N GLN B 195 13.30 37.93 38.27
CA GLN B 195 12.96 38.87 39.34
C GLN B 195 13.44 38.39 40.71
N PRO B 196 14.34 39.15 41.35
CA PRO B 196 14.82 38.74 42.68
C PRO B 196 13.74 38.93 43.74
N ILE B 197 13.66 38.00 44.70
CA ILE B 197 12.73 38.16 45.79
C ILE B 197 13.40 38.96 46.90
N CYS B 198 12.98 40.21 47.05
CA CYS B 198 13.63 41.14 47.96
C CYS B 198 13.45 40.69 49.41
N LEU B 199 14.27 41.25 50.29
CA LEU B 199 14.27 40.87 51.70
C LEU B 199 12.88 41.05 52.29
N SER B 200 12.52 40.18 53.24
CA SER B 200 11.16 40.16 53.78
C SER B 200 10.76 41.48 54.43
N GLY B 201 9.65 42.04 53.96
CA GLY B 201 9.14 43.27 54.51
C GLY B 201 9.71 44.51 53.85
N CYS B 202 10.54 44.32 52.82
CA CYS B 202 11.06 45.45 52.08
C CYS B 202 9.88 46.16 51.45
N HIS B 203 9.81 47.48 51.61
CA HIS B 203 8.64 48.23 51.19
C HIS B 203 8.41 48.10 49.69
N GLU B 204 7.20 47.71 49.32
CA GLU B 204 6.89 47.38 47.93
C GLU B 204 7.12 48.55 46.98
N GLN B 205 6.72 49.75 47.38
CA GLN B 205 6.91 50.93 46.55
C GLN B 205 8.25 51.64 46.76
N ASN B 206 8.70 51.69 48.01
CA ASN B 206 9.88 52.49 48.35
C ASN B 206 11.19 51.71 48.34
N GLY B 207 11.10 50.38 48.43
CA GLY B 207 12.30 49.57 48.48
C GLY B 207 12.35 48.62 47.29
N TYR B 208 13.55 48.16 46.96
CA TYR B 208 13.72 47.22 45.87
C TYR B 208 15.03 46.46 46.02
N CYS B 209 15.18 45.40 45.25
CA CYS B 209 16.41 44.62 45.25
C CYS B 209 16.85 44.34 43.82
N SER B 210 18.15 44.16 43.63
CA SER B 210 18.67 43.65 42.36
C SER B 210 19.21 42.25 42.59
N MLY B 211 19.41 41.93 43.87
CA MLY B 211 19.90 40.64 44.31
CB MLY B 211 21.27 40.83 44.98
CG MLY B 211 22.33 39.83 44.59
CD MLY B 211 23.66 40.16 45.23
CE MLY B 211 23.50 40.48 46.71
NZ MLY B 211 24.79 40.45 47.44
CH1 MLY B 211 24.61 41.24 48.66
CH2 MLY B 211 24.97 39.06 47.87
C MLY B 211 18.90 40.06 45.30
O MLY B 211 18.21 40.82 45.98
N PRO B 212 18.80 38.73 45.39
CA PRO B 212 17.86 38.12 46.33
C PRO B 212 18.18 38.43 47.79
N ASP B 213 17.13 38.54 48.61
CA ASP B 213 17.29 38.74 50.06
C ASP B 213 18.02 40.04 50.36
N GLU B 214 17.77 41.07 49.56
CA GLU B 214 18.37 42.37 49.80
C GLU B 214 17.27 43.43 49.83
N CYS B 215 17.50 44.53 50.55
CA CYS B 215 16.58 45.67 50.48
C CYS B 215 17.31 46.97 50.20
N ASN B 216 17.03 47.58 49.06
CA ASN B 216 17.61 48.87 48.70
C ASN B 216 16.54 49.97 48.63
N CYS B 217 16.91 51.18 49.05
CA CYS B 217 15.96 52.27 49.24
C CYS B 217 15.93 53.19 48.03
N ARG B 218 14.73 53.54 47.58
CA ARG B 218 14.60 54.57 46.55
C ARG B 218 14.75 55.94 47.22
N PRO B 219 15.01 57.01 46.43
CA PRO B 219 15.29 58.32 47.01
C PRO B 219 14.24 58.82 48.01
N GLY B 220 14.70 59.30 49.15
CA GLY B 220 13.82 59.81 50.19
C GLY B 220 13.39 58.80 51.23
N TRP B 221 14.12 57.70 51.35
CA TRP B 221 13.74 56.63 52.28
C TRP B 221 14.93 56.00 53.00
N GLN B 222 14.66 55.40 54.16
CA GLN B 222 15.70 54.88 55.04
C GLN B 222 15.17 53.74 55.92
N GLY B 223 16.05 53.18 56.74
CA GLY B 223 15.73 52.02 57.55
C GLY B 223 16.13 50.75 56.82
N PRO B 224 16.16 49.62 57.54
CA PRO B 224 16.50 48.31 56.95
C PRO B 224 15.50 47.83 55.92
N LEU B 225 14.28 48.34 56.01
CA LEU B 225 13.19 47.96 55.12
C LEU B 225 12.74 49.12 54.24
N CYS B 226 13.48 50.23 54.33
CA CYS B 226 13.26 51.39 53.45
C CYS B 226 11.83 51.91 53.58
N ASN B 227 11.33 51.95 54.81
CA ASN B 227 9.96 52.39 55.06
C ASN B 227 9.88 53.70 55.85
N GLU B 228 11.03 54.28 56.15
CA GLU B 228 11.04 55.51 56.94
C GLU B 228 11.36 56.73 56.10
N ALA B 229 10.38 57.60 55.90
CA ALA B 229 10.57 58.80 55.11
C ALA B 229 11.71 59.66 55.65
N ALA B 230 12.64 60.03 54.77
CA ALA B 230 13.79 60.85 55.11
C ALA B 230 14.35 60.56 56.49
N PRO C 1 -14.10 -39.03 -51.96
CA PRO C 1 -15.47 -38.86 -51.49
C PRO C 1 -15.56 -37.77 -50.42
N ASP C 2 -14.91 -36.64 -50.69
CA ASP C 2 -14.73 -35.66 -49.64
CA ASP C 2 -14.76 -35.53 -49.75
C ASP C 2 -16.02 -35.15 -49.00
N VAL C 3 -15.86 -34.76 -47.73
CA VAL C 3 -16.88 -34.07 -47.00
C VAL C 3 -16.49 -32.59 -46.97
N ASP C 4 -17.43 -31.73 -47.34
CA ASP C 4 -17.31 -30.31 -47.06
C ASP C 4 -17.59 -30.12 -45.58
N GLU C 5 -16.53 -29.91 -44.81
N GLU C 5 -16.53 -29.95 -44.78
CA GLU C 5 -16.64 -29.90 -43.35
CA GLU C 5 -16.67 -29.89 -43.33
C GLU C 5 -17.21 -28.58 -42.83
C GLU C 5 -17.31 -28.58 -42.87
N CYS C 6 -16.97 -27.49 -43.56
CA CYS C 6 -17.48 -26.17 -43.19
C CYS C 6 -18.99 -25.99 -43.38
N ALA C 7 -19.59 -26.81 -44.23
CA ALA C 7 -21.03 -26.70 -44.49
C ALA C 7 -21.85 -27.09 -43.26
N LEU C 8 -21.28 -27.95 -42.43
CA LEU C 8 -21.98 -28.44 -41.25
C LEU C 8 -22.15 -27.32 -40.22
N GLY C 9 -23.26 -27.39 -39.48
CA GLY C 9 -23.66 -26.34 -38.55
C GLY C 9 -22.62 -25.77 -37.62
N ALA C 10 -22.37 -26.43 -36.51
CA ALA C 10 -21.44 -25.91 -35.51
C ALA C 10 -20.01 -25.76 -36.03
N ASN C 11 -19.46 -24.58 -35.85
CA ASN C 11 -18.11 -24.24 -36.28
C ASN C 11 -17.09 -25.07 -35.51
N PRO C 12 -16.25 -25.86 -36.21
CA PRO C 12 -15.26 -26.66 -35.50
C PRO C 12 -14.07 -25.83 -35.00
N CYS C 13 -14.03 -24.57 -35.38
CA CYS C 13 -12.94 -23.68 -35.01
C CYS C 13 -13.35 -22.85 -33.79
N GLU C 14 -12.63 -23.02 -32.68
CA GLU C 14 -12.97 -22.32 -31.45
C GLU C 14 -12.58 -20.84 -31.56
N HIS C 15 -13.07 -20.04 -30.62
CA HIS C 15 -12.79 -18.61 -30.55
C HIS C 15 -13.02 -17.86 -31.87
N ALA C 16 -14.20 -18.08 -32.47
CA ALA C 16 -14.61 -17.40 -33.70
C ALA C 16 -13.63 -17.57 -34.87
N GLY C 17 -12.97 -18.73 -34.91
CA GLY C 17 -12.08 -19.04 -36.02
C GLY C 17 -12.87 -19.28 -37.29
N LYS C 18 -12.18 -19.28 -38.43
CA LYS C 18 -12.86 -19.42 -39.71
C LYS C 18 -12.52 -20.76 -40.38
N CYS C 19 -13.54 -21.58 -40.58
CA CYS C 19 -13.37 -22.89 -41.18
C CYS C 19 -13.07 -22.80 -42.67
N LEU C 20 -12.05 -23.53 -43.11
CA LEU C 20 -11.74 -23.66 -44.52
C LEU C 20 -11.68 -25.15 -44.84
N ASN C 21 -12.50 -25.61 -45.77
CA ASN C 21 -12.48 -27.02 -46.14
CA ASN C 21 -12.50 -27.01 -46.15
C ASN C 21 -11.37 -27.33 -47.13
N THR C 22 -10.79 -28.50 -46.97
CA THR C 22 -9.77 -29.01 -47.85
C THR C 22 -10.35 -30.31 -48.36
N LEU C 23 -9.68 -30.97 -49.30
CA LEU C 23 -10.23 -32.22 -49.80
C LEU C 23 -10.18 -33.22 -48.65
N GLY C 24 -11.33 -33.67 -48.13
CA GLY C 24 -11.29 -34.78 -47.20
C GLY C 24 -10.98 -34.37 -45.78
N SER C 25 -10.99 -33.07 -45.55
CA SER C 25 -10.83 -32.48 -44.23
C SER C 25 -11.18 -31.00 -44.22
N PHE C 26 -10.70 -30.32 -43.20
CA PHE C 26 -10.86 -28.89 -43.02
C PHE C 26 -9.70 -28.33 -42.23
N GLU C 27 -9.54 -27.02 -42.28
CA GLU C 27 -8.54 -26.35 -41.47
C GLU C 27 -9.06 -25.01 -41.00
N CYS C 28 -8.51 -24.52 -39.89
CA CYS C 28 -9.00 -23.31 -39.24
C CYS C 28 -8.12 -22.09 -39.45
N GLN C 29 -8.74 -20.96 -39.74
CA GLN C 29 -8.05 -19.68 -39.70
C GLN C 29 -8.35 -19.01 -38.36
N CYS C 30 -7.35 -18.95 -37.49
CA CYS C 30 -7.56 -18.52 -36.12
C CYS C 30 -7.48 -17.00 -36.00
N LEU C 31 -8.32 -16.43 -35.13
CA LEU C 31 -8.21 -15.03 -34.79
C LEU C 31 -6.87 -14.83 -34.10
N GLN C 32 -6.30 -13.63 -34.22
CA GLN C 32 -4.97 -13.38 -33.68
C GLN C 32 -4.92 -13.61 -32.18
N GLY C 33 -3.86 -14.27 -31.73
CA GLY C 33 -3.72 -14.63 -30.32
C GLY C 33 -4.03 -16.08 -30.00
N TYR C 34 -4.55 -16.81 -30.98
CA TYR C 34 -4.88 -18.22 -30.79
C TYR C 34 -4.14 -19.14 -31.75
N THR C 35 -3.81 -20.33 -31.26
CA THR C 35 -3.10 -21.32 -32.06
C THR C 35 -3.67 -22.70 -31.79
N GLY C 36 -3.07 -23.73 -32.39
CA GLY C 36 -3.61 -25.07 -32.32
C GLY C 36 -4.55 -25.31 -33.49
N PRO C 37 -4.77 -26.58 -33.85
CA PRO C 37 -5.56 -26.94 -35.04
C PRO C 37 -6.98 -26.39 -35.03
N ARG C 38 -7.59 -26.31 -33.85
CA ARG C 38 -8.94 -25.77 -33.76
C ARG C 38 -8.99 -24.51 -32.88
N CYS C 39 -7.86 -23.81 -32.82
CA CYS C 39 -7.76 -22.50 -32.18
C CYS C 39 -8.02 -22.53 -30.67
N GLU C 40 -7.80 -23.69 -30.06
CA GLU C 40 -8.13 -23.87 -28.65
C GLU C 40 -7.03 -23.41 -27.69
N ILE C 41 -5.88 -23.02 -28.22
CA ILE C 41 -4.73 -22.66 -27.36
C ILE C 41 -4.46 -21.16 -27.34
N ASP C 42 -4.44 -20.59 -26.14
CA ASP C 42 -4.09 -19.19 -25.95
C ASP C 42 -2.57 -19.02 -25.92
N VAL C 43 -2.02 -18.33 -26.92
CA VAL C 43 -0.59 -18.07 -26.98
C VAL C 43 -0.15 -17.19 -25.82
N ASN C 44 0.97 -17.53 -25.19
CA ASN C 44 1.50 -16.71 -24.12
C ASN C 44 2.50 -15.69 -24.66
N GLU C 45 2.02 -14.47 -24.87
CA GLU C 45 2.84 -13.40 -25.42
C GLU C 45 3.93 -12.93 -24.46
N CYS C 46 3.86 -13.36 -23.20
CA CYS C 46 4.83 -12.92 -22.21
C CYS C 46 6.06 -13.83 -22.14
N ILE C 47 6.06 -14.88 -22.94
CA ILE C 47 7.20 -15.79 -22.99
C ILE C 47 8.42 -15.04 -23.52
N SER C 48 8.19 -14.11 -24.44
CA SER C 48 9.28 -13.37 -25.07
C SER C 48 9.84 -12.30 -24.13
N ASN C 49 9.28 -12.24 -22.92
CA ASN C 49 9.77 -11.35 -21.86
C ASN C 49 9.95 -9.90 -22.31
N PRO C 50 8.88 -9.29 -22.85
CA PRO C 50 9.01 -7.95 -23.45
C PRO C 50 9.20 -6.82 -22.45
N CYS C 51 8.85 -7.05 -21.18
CA CYS C 51 8.79 -5.99 -20.17
C CYS C 51 10.14 -5.79 -19.51
N GLN C 52 10.60 -4.54 -19.47
CA GLN C 52 11.92 -4.22 -18.95
C GLN C 52 11.91 -3.72 -17.52
N ASN C 53 13.10 -3.61 -16.94
CA ASN C 53 13.30 -3.02 -15.62
C ASN C 53 12.47 -3.65 -14.50
N ASP C 54 12.48 -4.98 -14.45
CA ASP C 54 11.78 -5.76 -13.41
C ASP C 54 10.26 -5.55 -13.39
N ALA C 55 9.72 -5.13 -14.54
CA ALA C 55 8.27 -4.97 -14.68
C ALA C 55 7.58 -6.33 -14.82
N THR C 56 6.27 -6.34 -14.70
CA THR C 56 5.51 -7.59 -14.78
C THR C 56 4.64 -7.68 -16.04
N CYS C 57 4.76 -8.81 -16.75
CA CYS C 57 4.05 -9.03 -17.99
C CYS C 57 2.72 -9.77 -17.80
N LEU C 58 1.64 -9.14 -18.26
CA LEU C 58 0.33 -9.76 -18.28
C LEU C 58 0.04 -10.37 -19.65
N ASP C 59 -0.12 -11.69 -19.69
CA ASP C 59 -0.47 -12.37 -20.93
C ASP C 59 -1.95 -12.26 -21.25
N GLN C 60 -2.27 -11.55 -22.32
CA GLN C 60 -3.65 -11.28 -22.70
C GLN C 60 -3.92 -11.80 -24.10
N ILE C 61 -5.14 -11.60 -24.60
CA ILE C 61 -5.55 -12.22 -25.85
C ILE C 61 -5.04 -11.43 -27.06
N GLY C 62 -3.99 -11.95 -27.68
CA GLY C 62 -3.43 -11.33 -28.87
C GLY C 62 -2.51 -10.18 -28.51
N GLU C 63 -2.19 -10.05 -27.23
CA GLU C 63 -1.57 -8.83 -26.73
C GLU C 63 -0.97 -9.00 -25.33
N PHE C 64 0.05 -8.20 -25.02
CA PHE C 64 0.64 -8.20 -23.67
C PHE C 64 0.56 -6.81 -23.03
N GLN C 65 0.62 -6.78 -21.71
CA GLN C 65 0.66 -5.52 -20.97
C GLN C 65 1.78 -5.53 -19.93
N CYS C 66 2.57 -4.46 -19.89
CA CYS C 66 3.64 -4.34 -18.91
C CYS C 66 3.26 -3.43 -17.75
N ILE C 67 3.33 -3.97 -16.53
CA ILE C 67 3.09 -3.19 -15.33
C ILE C 67 4.43 -2.75 -14.74
N CYS C 68 4.64 -1.44 -14.65
CA CYS C 68 5.97 -0.89 -14.35
C CYS C 68 6.24 -0.79 -12.85
N MET C 69 7.52 -0.92 -12.49
CA MET C 69 7.96 -0.52 -11.16
C MET C 69 7.85 0.99 -11.07
N PRO C 70 7.65 1.52 -9.85
CA PRO C 70 7.55 2.97 -9.71
C PRO C 70 8.76 3.70 -10.27
N GLY C 71 8.51 4.74 -11.06
CA GLY C 71 9.59 5.49 -11.69
C GLY C 71 9.87 5.11 -13.13
N TYR C 72 9.15 4.10 -13.62
CA TYR C 72 9.33 3.67 -15.01
C TYR C 72 8.04 3.78 -15.81
N GLU C 73 8.18 3.94 -17.12
CA GLU C 73 7.05 4.14 -18.01
C GLU C 73 7.38 3.70 -19.43
N GLY C 74 6.41 3.86 -20.34
CA GLY C 74 6.56 3.38 -21.69
C GLY C 74 5.92 2.02 -21.86
N VAL C 75 5.74 1.60 -23.11
CA VAL C 75 5.05 0.36 -23.43
C VAL C 75 5.76 -0.85 -22.81
N TYR C 76 7.09 -0.80 -22.80
CA TYR C 76 7.89 -1.91 -22.29
C TYR C 76 8.47 -1.58 -20.92
N CYS C 77 7.99 -0.51 -20.32
CA CYS C 77 8.55 0.02 -19.07
C CYS C 77 10.02 0.33 -19.29
N GLU C 78 10.33 0.81 -20.50
CA GLU C 78 11.71 1.02 -20.93
C GLU C 78 12.19 2.44 -20.66
N ILE C 79 11.31 3.29 -20.17
CA ILE C 79 11.66 4.68 -19.95
C ILE C 79 11.77 5.00 -18.46
N ASN C 80 12.91 5.55 -18.08
CA ASN C 80 13.09 6.08 -16.74
C ASN C 80 12.52 7.49 -16.73
N THR C 81 11.42 7.68 -16.03
CA THR C 81 10.74 8.97 -16.03
C THR C 81 11.65 10.06 -15.49
N ASP C 82 11.77 11.14 -16.26
CA ASP C 82 12.64 12.24 -15.87
C ASP C 82 11.86 13.16 -14.93
N GLU C 83 12.05 12.97 -13.64
CA GLU C 83 11.35 13.75 -12.62
C GLU C 83 11.83 15.19 -12.59
N CYS C 84 12.90 15.49 -13.33
CA CYS C 84 13.45 16.85 -13.37
C CYS C 84 12.89 17.63 -14.57
N ALA C 85 11.94 17.02 -15.27
CA ALA C 85 11.40 17.61 -16.50
C ALA C 85 10.69 18.94 -16.27
N SER C 86 10.02 19.07 -15.14
CA SER C 86 9.23 20.26 -14.85
C SER C 86 10.09 21.35 -14.20
N SER C 87 11.39 21.08 -14.10
CA SER C 87 12.35 21.97 -13.44
C SER C 87 11.90 22.35 -12.03
N PRO C 88 11.78 21.36 -11.13
CA PRO C 88 11.25 21.57 -9.78
C PRO C 88 12.16 22.43 -8.89
N CYS C 89 13.47 22.35 -9.10
CA CYS C 89 14.43 23.01 -8.21
C CYS C 89 14.38 24.52 -8.35
N LEU C 90 14.32 25.22 -7.22
CA LEU C 90 14.26 26.67 -7.21
C LEU C 90 15.64 27.28 -6.99
N HIS C 91 15.74 28.58 -7.21
CA HIS C 91 16.97 29.34 -6.98
C HIS C 91 18.14 28.72 -7.75
N ASN C 92 17.85 28.22 -8.95
CA ASN C 92 18.85 27.60 -9.82
C ASN C 92 19.59 26.46 -9.13
N GLY C 93 18.85 25.67 -8.36
CA GLY C 93 19.41 24.44 -7.80
C GLY C 93 19.59 23.44 -8.92
N ARG C 94 20.38 22.40 -8.67
CA ARG C 94 20.68 21.44 -9.72
C ARG C 94 19.90 20.14 -9.48
N CYS C 95 18.98 19.85 -10.38
CA CYS C 95 18.14 18.65 -10.29
C CYS C 95 18.87 17.37 -10.68
N VAL C 96 18.75 16.35 -9.83
CA VAL C 96 19.26 15.02 -10.13
C VAL C 96 18.11 14.02 -10.23
N ASP C 97 17.93 13.42 -11.41
CA ASP C 97 16.86 12.46 -11.60
C ASP C 97 17.18 11.13 -10.92
N LYS C 98 16.27 10.67 -10.07
CA LYS C 98 16.44 9.39 -9.40
C LYS C 98 15.33 8.42 -9.80
N ILE C 99 15.23 7.31 -9.09
CA ILE C 99 14.20 6.32 -9.38
C ILE C 99 12.92 6.69 -8.63
N ASN C 100 11.93 7.16 -9.39
CA ASN C 100 10.66 7.62 -8.83
C ASN C 100 10.87 8.82 -7.91
N GLU C 101 11.95 9.55 -8.15
CA GLU C 101 12.41 10.61 -7.25
C GLU C 101 13.27 11.63 -7.98
N PHE C 102 13.36 12.83 -7.42
CA PHE C 102 14.40 13.77 -7.82
C PHE C 102 15.07 14.37 -6.58
N LEU C 103 16.36 14.63 -6.70
CA LEU C 103 17.12 15.27 -5.63
C LEU C 103 17.67 16.59 -6.12
N CYS C 104 17.43 17.66 -5.35
CA CYS C 104 17.93 18.97 -5.72
C CYS C 104 19.17 19.30 -4.92
N GLN C 105 20.28 19.50 -5.62
CA GLN C 105 21.50 19.93 -4.98
C GLN C 105 21.44 21.44 -4.88
N CYS C 106 21.64 21.94 -3.67
CA CYS C 106 21.31 23.30 -3.32
C CYS C 106 22.54 24.17 -3.13
N PRO C 107 22.49 25.36 -3.67
CA PRO C 107 23.55 26.34 -3.39
C PRO C 107 23.67 26.55 -1.88
N LYS C 108 24.77 27.13 -1.42
CA LYS C 108 25.08 27.19 0.01
C LYS C 108 24.00 27.85 0.86
N GLY C 109 23.65 29.08 0.54
CA GLY C 109 22.65 29.82 1.30
C GLY C 109 21.33 29.08 1.45
N PHE C 110 20.89 28.45 0.37
CA PHE C 110 19.61 27.76 0.33
C PHE C 110 19.69 26.30 0.78
N SER C 111 18.55 25.75 1.18
CA SER C 111 18.44 24.33 1.54
C SER C 111 16.99 23.89 1.34
N GLY C 112 16.74 22.59 1.51
CA GLY C 112 15.40 22.07 1.32
C GLY C 112 15.27 21.18 0.10
N HIS C 113 14.11 20.54 -0.05
CA HIS C 113 13.87 19.64 -1.17
C HIS C 113 13.88 20.38 -2.51
N LEU C 114 13.22 21.53 -2.56
CA LEU C 114 13.19 22.34 -3.77
C LEU C 114 14.20 23.48 -3.69
N CYS C 115 15.16 23.35 -2.77
CA CYS C 115 16.14 24.41 -2.51
C CYS C 115 15.39 25.71 -2.31
N GLN C 116 14.40 25.71 -1.41
CA GLN C 116 13.51 26.87 -1.31
C GLN C 116 13.65 27.68 -0.03
N SER C 117 14.59 27.32 0.83
CA SER C 117 14.69 27.97 2.13
C SER C 117 16.16 28.12 2.51
N GLY D 1 -12.96 -11.97 -22.95
CA GLY D 1 -13.39 -12.74 -21.80
C GLY D 1 -12.27 -13.01 -20.82
N SER D 2 -12.61 -13.65 -19.71
CA SER D 2 -11.64 -13.97 -18.66
C SER D 2 -11.37 -15.47 -18.62
N SER D 3 -10.09 -15.84 -18.50
CA SER D 3 -9.72 -17.25 -18.46
C SER D 3 -9.51 -17.80 -17.05
N SER D 4 -9.25 -16.93 -16.08
CA SER D 4 -9.07 -17.37 -14.70
C SER D 4 -9.76 -16.46 -13.69
N ILE D 5 -10.04 -17.00 -12.50
CA ILE D 5 -10.78 -16.26 -11.48
C ILE D 5 -10.15 -16.39 -10.10
N PHE D 6 -9.94 -15.26 -9.43
CA PHE D 6 -9.45 -15.27 -8.05
C PHE D 6 -10.63 -15.33 -7.10
N GLN D 7 -10.67 -16.35 -6.24
CA GLN D 7 -11.80 -16.53 -5.34
C GLN D 7 -11.38 -16.32 -3.90
N LEU D 8 -12.18 -15.54 -3.18
CA LEU D 8 -11.88 -15.18 -1.80
C LEU D 8 -13.02 -15.48 -0.86
N ARG D 9 -12.75 -16.31 0.15
CA ARG D 9 -13.76 -16.65 1.15
C ARG D 9 -13.46 -16.05 2.51
N LEU D 10 -14.36 -15.19 2.98
CA LEU D 10 -14.25 -14.59 4.30
C LEU D 10 -14.95 -15.49 5.31
N GLN D 11 -14.27 -15.85 6.38
CA GLN D 11 -14.79 -16.87 7.30
C GLN D 11 -15.11 -16.36 8.71
N GLU D 12 -14.22 -15.58 9.31
CA GLU D 12 -14.48 -15.06 10.66
C GLU D 12 -13.76 -13.73 10.93
N PHE D 13 -14.46 -12.82 11.60
CA PHE D 13 -13.89 -11.54 12.01
C PHE D 13 -14.21 -11.22 13.46
N ALA D 14 -13.22 -10.75 14.21
CA ALA D 14 -13.40 -10.39 15.61
C ALA D 14 -13.02 -8.94 15.90
N ASN D 15 -13.92 -8.21 16.55
CA ASN D 15 -13.65 -6.86 17.05
C ASN D 15 -14.34 -6.65 18.39
N GLU D 16 -13.80 -7.30 19.42
CA GLU D 16 -14.45 -7.40 20.71
C GLU D 16 -14.61 -6.07 21.46
N ARG D 17 -13.75 -5.11 21.17
CA ARG D 17 -13.89 -3.83 21.87
C ARG D 17 -14.63 -2.80 21.01
N GLY D 18 -15.05 -3.23 19.82
CA GLY D 18 -15.84 -2.40 18.93
C GLY D 18 -15.14 -1.09 18.61
N MET D 19 -13.90 -1.19 18.15
CA MET D 19 -13.05 -0.02 17.94
C MET D 19 -12.85 0.33 16.47
N LEU D 20 -12.59 1.61 16.22
CA LEU D 20 -12.18 2.06 14.89
C LEU D 20 -10.66 2.13 14.83
N ALA D 21 -10.12 2.33 13.64
CA ALA D 21 -8.67 2.46 13.49
C ALA D 21 -8.18 3.65 14.29
N ASN D 22 -8.92 4.76 14.22
CA ASN D 22 -8.65 5.89 15.10
C ASN D 22 -9.11 5.49 16.50
N GLY D 23 -8.66 6.18 17.52
CA GLY D 23 -8.98 5.81 18.89
C GLY D 23 -10.44 5.65 19.30
N ARG D 24 -11.37 6.10 18.47
CA ARG D 24 -12.79 6.06 18.84
C ARG D 24 -13.47 4.70 18.66
N PRO D 25 -14.33 4.32 19.61
CA PRO D 25 -15.16 3.12 19.53
C PRO D 25 -16.35 3.33 18.62
N CYS D 26 -16.76 2.30 17.89
CA CYS D 26 -17.99 2.39 17.12
C CYS D 26 -19.14 2.54 18.12
N GLU D 27 -20.09 3.40 17.80
CA GLU D 27 -21.16 3.71 18.74
C GLU D 27 -22.53 3.46 18.14
N PRO D 28 -23.26 2.48 18.71
CA PRO D 28 -22.85 1.58 19.78
C PRO D 28 -22.00 0.38 19.32
N GLY D 29 -22.06 0.04 18.03
CA GLY D 29 -21.33 -1.10 17.54
C GLY D 29 -20.79 -0.92 16.13
N CYS D 30 -19.85 -1.78 15.75
CA CYS D 30 -19.20 -1.66 14.45
C CYS D 30 -19.89 -2.46 13.36
N ARG D 31 -20.60 -1.77 12.48
CA ARG D 31 -21.32 -2.43 11.40
C ARG D 31 -20.36 -2.65 10.25
N THR D 32 -19.88 -3.88 10.12
CA THR D 32 -18.67 -4.16 9.37
C THR D 32 -18.90 -4.69 7.95
N PHE D 33 -18.30 -4.02 6.99
CA PHE D 33 -18.26 -4.49 5.61
C PHE D 33 -16.81 -4.48 5.16
N PHE D 34 -16.53 -5.10 4.03
CA PHE D 34 -15.13 -5.27 3.62
C PHE D 34 -14.84 -4.73 2.22
N ARG D 35 -13.61 -4.25 2.05
CA ARG D 35 -13.11 -3.81 0.75
C ARG D 35 -11.90 -4.64 0.39
N ILE D 36 -11.91 -5.18 -0.83
CA ILE D 36 -10.84 -6.09 -1.26
C ILE D 36 -10.11 -5.49 -2.45
N CYS D 37 -8.78 -5.42 -2.35
CA CYS D 37 -7.95 -4.92 -3.44
C CYS D 37 -6.94 -5.96 -3.88
N LEU D 38 -7.07 -6.44 -5.10
CA LEU D 38 -6.15 -7.43 -5.65
C LEU D 38 -5.25 -6.79 -6.69
N MLY D 39 -3.94 -6.89 -6.49
CA MLY D 39 -2.98 -6.33 -7.43
CB MLY D 39 -2.26 -5.13 -6.83
CG MLY D 39 -2.93 -4.47 -5.64
CD MLY D 39 -1.93 -3.63 -4.85
CE MLY D 39 -2.34 -3.55 -3.39
NZ MLY D 39 -1.26 -2.99 -2.52
CH1 MLY D 39 -1.81 -3.01 -1.16
CH2 MLY D 39 -0.14 -3.94 -2.54
C MLY D 39 -1.95 -7.36 -7.86
O MLY D 39 -1.99 -8.52 -7.48
N HIS D 40 -1.01 -6.89 -8.68
CA HIS D 40 0.20 -7.62 -9.01
C HIS D 40 1.12 -7.68 -7.80
N TYR D 41 2.02 -8.65 -7.78
CA TYR D 41 2.96 -8.79 -6.69
C TYR D 41 3.84 -7.54 -6.62
N GLN D 42 3.96 -6.95 -5.44
CA GLN D 42 4.85 -5.81 -5.27
C GLN D 42 5.46 -5.77 -3.88
N ALA D 43 6.79 -5.79 -3.86
CA ALA D 43 7.59 -5.75 -2.64
C ALA D 43 7.73 -4.35 -2.04
N THR D 44 7.83 -3.34 -2.91
CA THR D 44 8.03 -1.97 -2.45
C THR D 44 6.83 -1.52 -1.62
N PHE D 45 6.99 -0.39 -0.93
CA PHE D 45 5.89 0.17 -0.15
C PHE D 45 4.74 0.38 -1.12
N SER D 46 3.50 0.20 -0.65
CA SER D 46 2.37 0.10 -1.59
C SER D 46 2.23 1.33 -2.46
N GLU D 47 2.15 1.08 -3.77
CA GLU D 47 1.96 2.11 -4.78
C GLU D 47 0.77 1.80 -5.67
N GLY D 48 -0.05 2.81 -5.92
CA GLY D 48 -1.00 2.74 -7.01
C GLY D 48 -2.26 1.91 -6.80
N PRO D 49 -3.04 1.77 -7.88
CA PRO D 49 -4.40 1.21 -7.92
C PRO D 49 -4.45 -0.31 -7.86
N CYS D 50 -5.66 -0.84 -7.73
CA CYS D 50 -5.88 -2.28 -7.70
C CYS D 50 -5.87 -2.83 -9.13
N THR D 51 -4.69 -3.21 -9.60
CA THR D 51 -4.49 -3.55 -11.00
C THR D 51 -5.18 -4.85 -11.45
N PHE D 52 -5.45 -5.76 -10.51
CA PHE D 52 -6.10 -7.02 -10.86
C PHE D 52 -7.60 -6.97 -10.59
N GLY D 53 -8.07 -5.88 -10.00
CA GLY D 53 -9.47 -5.72 -9.69
C GLY D 53 -9.72 -5.55 -8.20
N ASN D 54 -10.89 -5.00 -7.88
CA ASN D 54 -11.31 -4.80 -6.50
C ASN D 54 -12.80 -5.12 -6.34
N VAL D 55 -13.23 -5.36 -5.11
CA VAL D 55 -14.64 -5.60 -4.84
C VAL D 55 -15.00 -5.20 -3.40
N SER D 56 -16.27 -4.87 -3.18
CA SER D 56 -16.74 -4.50 -1.84
C SER D 56 -17.88 -5.43 -1.41
N THR D 57 -18.01 -5.63 -0.10
CA THR D 57 -19.07 -6.48 0.41
C THR D 57 -20.13 -5.64 1.14
N PRO D 58 -21.33 -6.19 1.29
CA PRO D 58 -22.32 -5.57 2.19
C PRO D 58 -21.93 -5.79 3.65
N VAL D 59 -22.69 -5.22 4.59
CA VAL D 59 -22.41 -5.42 6.00
C VAL D 59 -22.68 -6.88 6.34
N LEU D 60 -21.70 -7.53 6.95
CA LEU D 60 -21.79 -8.96 7.21
C LEU D 60 -22.08 -9.29 8.68
N GLY D 61 -21.80 -8.32 9.56
CA GLY D 61 -22.02 -8.52 10.98
C GLY D 61 -21.67 -7.30 11.83
N THR D 62 -21.86 -7.44 13.14
CA THR D 62 -21.50 -6.37 14.08
C THR D 62 -20.43 -6.88 15.04
N ASN D 63 -19.34 -6.12 15.15
CA ASN D 63 -18.19 -6.50 15.98
C ASN D 63 -17.61 -7.85 15.58
N SER D 64 -17.69 -8.83 16.47
CA SER D 64 -17.27 -10.18 16.12
C SER D 64 -18.40 -10.97 15.50
N PHE D 65 -18.10 -11.71 14.43
CA PHE D 65 -19.10 -12.53 13.77
C PHE D 65 -18.46 -13.58 12.87
N VAL D 66 -19.20 -14.67 12.69
CA VAL D 66 -18.83 -15.71 11.74
C VAL D 66 -19.42 -15.32 10.39
N ILE D 67 -18.63 -15.45 9.34
CA ILE D 67 -19.11 -15.14 8.00
C ILE D 67 -19.48 -16.42 7.29
N ARG D 68 -20.72 -16.50 6.84
CA ARG D 68 -21.28 -17.70 6.26
C ARG D 68 -21.36 -17.59 4.74
N ASP D 69 -21.33 -18.72 4.04
CA ASP D 69 -21.39 -18.68 2.57
C ASP D 69 -22.74 -18.16 2.08
N LYS D 70 -22.68 -17.40 1.00
CA LYS D 70 -23.87 -16.96 0.29
C LYS D 70 -23.63 -17.32 -1.18
N ASN D 71 -24.48 -18.17 -1.74
CA ASN D 71 -24.28 -18.65 -3.11
C ASN D 71 -24.46 -17.62 -4.22
N SER D 72 -25.38 -16.68 -4.05
CA SER D 72 -25.65 -15.72 -5.11
C SER D 72 -25.97 -14.32 -4.61
N GLY D 73 -25.90 -13.35 -5.53
CA GLY D 73 -26.37 -12.00 -5.25
C GLY D 73 -25.39 -11.08 -4.55
N SER D 74 -25.96 -10.15 -3.78
CA SER D 74 -25.19 -9.12 -3.09
C SER D 74 -24.16 -9.70 -2.11
N GLY D 75 -24.65 -10.49 -1.16
CA GLY D 75 -23.83 -11.05 -0.10
C GLY D 75 -22.86 -12.15 -0.52
N ARG D 76 -22.48 -12.17 -1.80
CA ARG D 76 -21.83 -13.32 -2.42
C ARG D 76 -20.54 -13.69 -1.69
N ASN D 77 -20.42 -14.96 -1.32
CA ASN D 77 -19.26 -15.45 -0.59
C ASN D 77 -19.15 -16.94 -0.80
N PRO D 78 -18.00 -17.40 -1.33
CA PRO D 78 -16.79 -16.63 -1.66
C PRO D 78 -16.92 -15.61 -2.81
N LEU D 79 -16.13 -14.54 -2.72
CA LEU D 79 -16.06 -13.51 -3.76
C LEU D 79 -15.29 -13.98 -4.99
N GLN D 80 -15.63 -13.42 -6.15
CA GLN D 80 -14.93 -13.73 -7.40
C GLN D 80 -14.34 -12.49 -8.03
N LEU D 81 -13.05 -12.55 -8.37
CA LEU D 81 -12.43 -11.53 -9.20
C LEU D 81 -11.90 -12.17 -10.47
N PRO D 82 -12.66 -12.08 -11.57
CA PRO D 82 -12.27 -12.69 -12.85
C PRO D 82 -11.15 -11.91 -13.56
N LEU D 83 -10.16 -12.64 -14.07
CA LEU D 83 -8.97 -12.00 -14.64
C LEU D 83 -8.92 -12.14 -16.15
N ASN D 84 -8.69 -11.00 -16.81
CA ASN D 84 -8.65 -10.93 -18.27
C ASN D 84 -7.31 -11.38 -18.87
N PHE D 85 -6.47 -11.97 -18.04
CA PHE D 85 -5.15 -12.42 -18.46
C PHE D 85 -4.90 -13.78 -17.84
N THR D 86 -3.94 -14.53 -18.36
CA THR D 86 -3.57 -15.80 -17.75
C THR D 86 -2.90 -15.52 -16.41
N TRP D 87 -3.14 -16.39 -15.44
CA TRP D 87 -2.66 -16.16 -14.08
C TRP D 87 -1.14 -16.09 -14.01
N PRO D 88 -0.62 -14.95 -13.55
CA PRO D 88 0.82 -14.63 -13.47
C PRO D 88 1.61 -15.50 -12.49
N GLY D 89 0.95 -16.02 -11.46
CA GLY D 89 1.61 -16.88 -10.50
C GLY D 89 1.95 -16.26 -9.15
N THR D 90 2.04 -14.93 -9.10
CA THR D 90 2.23 -14.23 -7.83
C THR D 90 1.24 -13.08 -7.73
N PHE D 91 1.05 -12.56 -6.53
CA PHE D 91 0.03 -11.54 -6.30
C PHE D 91 0.26 -10.74 -5.02
N SER D 92 -0.47 -9.63 -4.91
CA SER D 92 -0.60 -8.91 -3.65
C SER D 92 -2.09 -8.74 -3.39
N LEU D 93 -2.45 -8.82 -2.11
CA LEU D 93 -3.84 -8.68 -1.68
C LEU D 93 -4.00 -7.79 -0.46
N ASN D 94 -4.97 -6.89 -0.49
CA ASN D 94 -5.22 -5.98 0.61
C ASN D 94 -6.69 -6.07 1.02
N ILE D 95 -6.94 -6.48 2.27
CA ILE D 95 -8.31 -6.57 2.75
C ILE D 95 -8.54 -5.56 3.85
N GLN D 96 -9.54 -4.71 3.67
CA GLN D 96 -9.86 -3.67 4.63
C GLN D 96 -11.20 -3.94 5.30
N ALA D 97 -11.24 -3.78 6.62
CA ALA D 97 -12.49 -3.90 7.36
C ALA D 97 -12.96 -2.50 7.73
N TRP D 98 -14.21 -2.20 7.41
CA TRP D 98 -14.73 -0.86 7.56
C TRP D 98 -16.02 -0.84 8.39
N HIS D 99 -16.35 0.32 8.95
CA HIS D 99 -17.64 0.51 9.61
C HIS D 99 -18.46 1.53 8.85
N THR D 100 -19.73 1.21 8.62
CA THR D 100 -20.63 2.16 7.96
C THR D 100 -21.87 2.48 8.79
N PRO D 101 -22.25 3.77 8.81
CA PRO D 101 -23.50 4.23 9.42
C PRO D 101 -24.65 4.10 8.43
N GLY D 102 -24.32 3.71 7.20
CA GLY D 102 -25.26 3.62 6.10
C GLY D 102 -25.98 2.30 5.91
N ASP D 103 -26.49 2.10 4.69
CA ASP D 103 -27.23 0.90 4.34
C ASP D 103 -26.33 -0.33 4.33
N ASP D 104 -26.90 -1.46 4.75
CA ASP D 104 -26.10 -2.68 4.86
C ASP D 104 -25.97 -3.29 3.48
N LEU D 105 -26.83 -2.85 2.58
CA LEU D 105 -26.81 -3.34 1.21
C LEU D 105 -25.74 -2.57 0.42
N ARG D 106 -25.63 -1.28 0.70
CA ARG D 106 -24.71 -0.40 -0.03
C ARG D 106 -23.87 0.49 0.90
N PRO D 107 -22.96 -0.12 1.68
CA PRO D 107 -22.11 0.66 2.59
C PRO D 107 -21.15 1.62 1.90
N GLU D 108 -20.85 1.35 0.64
CA GLU D 108 -19.85 2.10 -0.12
C GLU D 108 -20.19 3.56 -0.38
N THR D 109 -21.49 3.87 -0.47
CA THR D 109 -21.91 5.23 -0.78
C THR D 109 -21.99 6.15 0.43
N SER D 110 -21.89 5.60 1.62
CA SER D 110 -22.01 6.41 2.83
C SER D 110 -20.71 7.16 3.12
N PRO D 111 -20.84 8.44 3.51
CA PRO D 111 -19.71 9.35 3.72
C PRO D 111 -19.01 9.15 5.06
N GLY D 112 -19.71 8.49 5.99
CA GLY D 112 -19.24 8.40 7.36
C GLY D 112 -18.42 7.15 7.65
N ASN D 113 -18.06 6.42 6.60
CA ASN D 113 -17.36 5.16 6.77
C ASN D 113 -16.00 5.38 7.42
N SER D 114 -15.65 4.52 8.36
CA SER D 114 -14.36 4.60 9.03
C SER D 114 -13.64 3.27 9.03
N LEU D 115 -12.35 3.31 8.77
CA LEU D 115 -11.54 2.11 8.74
C LEU D 115 -11.44 1.50 10.13
N ILE D 116 -11.55 0.18 10.20
CA ILE D 116 -11.39 -0.53 11.46
C ILE D 116 -9.98 -1.08 11.53
N SER D 117 -9.64 -1.87 10.52
CA SER D 117 -8.31 -2.42 10.37
C SER D 117 -8.16 -2.98 8.97
N GLN D 118 -6.94 -3.34 8.61
CA GLN D 118 -6.68 -3.91 7.29
C GLN D 118 -5.45 -4.79 7.35
N ILE D 119 -5.35 -5.71 6.42
CA ILE D 119 -4.18 -6.57 6.32
C ILE D 119 -3.65 -6.58 4.90
N ILE D 120 -2.41 -7.02 4.74
CA ILE D 120 -1.79 -7.10 3.43
C ILE D 120 -0.93 -8.35 3.34
N ILE D 121 -1.23 -9.18 2.34
CA ILE D 121 -0.44 -10.37 2.08
C ILE D 121 -0.01 -10.39 0.63
N GLN D 122 1.05 -11.12 0.35
CA GLN D 122 1.55 -11.28 -1.00
C GLN D 122 2.23 -12.63 -1.08
N GLY D 123 2.29 -13.19 -2.28
CA GLY D 123 2.94 -14.47 -2.43
C GLY D 123 2.67 -15.18 -3.73
N SER D 124 2.96 -16.47 -3.75
CA SER D 124 2.76 -17.30 -4.92
C SER D 124 1.51 -18.15 -4.72
N LEU D 125 0.73 -18.28 -5.79
CA LEU D 125 -0.43 -19.17 -5.78
C LEU D 125 -0.54 -19.85 -7.12
N ALA D 126 -0.75 -21.17 -7.09
CA ALA D 126 -0.94 -21.94 -8.30
C ALA D 126 -2.41 -22.16 -8.53
N VAL D 127 -2.81 -22.28 -9.79
CA VAL D 127 -4.18 -22.64 -10.12
C VAL D 127 -4.51 -24.00 -9.52
N GLY D 128 -5.64 -24.07 -8.82
CA GLY D 128 -6.07 -25.31 -8.19
C GLY D 128 -7.32 -25.12 -7.35
N MLY D 129 -7.99 -26.22 -7.04
CA MLY D 129 -9.23 -26.16 -6.28
CB MLY D 129 -10.19 -27.28 -6.71
CG MLY D 129 -10.98 -26.97 -7.96
CD MLY D 129 -12.47 -27.12 -7.73
CE MLY D 129 -13.26 -26.23 -8.67
NZ MLY D 129 -14.75 -26.36 -8.50
CH1 MLY D 129 -15.04 -26.22 -7.07
CH2 MLY D 129 -15.36 -25.21 -9.17
C MLY D 129 -9.03 -26.16 -4.77
O MLY D 129 -9.96 -25.88 -4.02
N ASN D 130 -7.81 -26.48 -4.32
CA ASN D 130 -7.50 -26.46 -2.91
C ASN D 130 -7.60 -25.06 -2.34
N TRP D 131 -8.32 -24.90 -1.23
CA TRP D 131 -8.40 -23.60 -0.57
C TRP D 131 -7.21 -23.38 0.34
N LYS D 132 -6.54 -22.26 0.18
CA LYS D 132 -5.44 -21.91 1.07
C LYS D 132 -5.95 -21.03 2.18
N SER D 133 -5.67 -21.43 3.41
CA SER D 133 -6.29 -20.77 4.57
C SER D 133 -5.26 -19.95 5.33
N ASP D 134 -5.70 -18.77 5.75
CA ASP D 134 -4.82 -17.83 6.44
C ASP D 134 -5.61 -17.12 7.52
N GLU D 135 -4.93 -16.77 8.62
CA GLU D 135 -5.55 -15.93 9.63
C GLU D 135 -4.59 -14.84 10.07
N GLN D 136 -5.14 -13.67 10.40
CA GLN D 136 -4.32 -12.58 10.91
C GLN D 136 -4.85 -12.10 12.26
N ASN D 137 -4.05 -12.36 13.29
CA ASN D 137 -4.39 -11.94 14.64
C ASN D 137 -3.58 -10.74 15.10
N ASN D 138 -4.27 -9.73 15.62
CA ASN D 138 -3.60 -8.66 16.35
C ASN D 138 -4.37 -8.36 17.63
N THR D 139 -3.84 -7.46 18.46
CA THR D 139 -4.40 -7.24 19.79
C THR D 139 -5.82 -6.69 19.73
N LEU D 140 -6.13 -5.94 18.68
CA LEU D 140 -7.47 -5.40 18.48
C LEU D 140 -8.41 -6.32 17.69
N THR D 141 -7.99 -6.77 16.51
CA THR D 141 -8.89 -7.54 15.65
C THR D 141 -8.28 -8.86 15.17
N ARG D 142 -9.16 -9.78 14.75
CA ARG D 142 -8.75 -11.06 14.18
C ARG D 142 -9.57 -11.37 12.94
N LEU D 143 -8.92 -11.85 11.89
CA LEU D 143 -9.60 -12.21 10.66
C LEU D 143 -9.20 -13.58 10.14
N ARG D 144 -10.20 -14.40 9.81
CA ARG D 144 -10.00 -15.71 9.21
C ARG D 144 -10.63 -15.76 7.83
N TYR D 145 -9.85 -16.24 6.85
CA TYR D 145 -10.33 -16.30 5.48
C TYR D 145 -9.53 -17.32 4.69
N SER D 146 -9.97 -17.58 3.46
CA SER D 146 -9.25 -18.47 2.56
C SER D 146 -9.46 -18.05 1.12
N TYR D 147 -8.56 -18.46 0.24
CA TYR D 147 -8.60 -18.04 -1.16
C TYR D 147 -8.02 -19.09 -2.10
N ARG D 148 -8.31 -18.93 -3.39
CA ARG D 148 -7.75 -19.79 -4.43
C ARG D 148 -7.91 -19.15 -5.81
N VAL D 149 -7.23 -19.71 -6.80
CA VAL D 149 -7.44 -19.33 -8.19
C VAL D 149 -7.83 -20.54 -9.04
N VAL D 150 -8.99 -20.46 -9.69
CA VAL D 150 -9.46 -21.55 -10.54
C VAL D 150 -9.72 -21.02 -11.95
N CYS D 151 -9.75 -21.93 -12.92
CA CYS D 151 -9.97 -21.55 -14.31
C CYS D 151 -11.41 -21.13 -14.55
N SER D 152 -11.62 -20.37 -15.62
CA SER D 152 -12.98 -20.10 -16.07
C SER D 152 -13.55 -21.37 -16.67
N ASP D 153 -14.86 -21.37 -16.90
CA ASP D 153 -15.55 -22.52 -17.46
C ASP D 153 -14.98 -22.95 -18.80
N ASN D 154 -14.67 -24.25 -18.93
CA ASN D 154 -14.10 -24.87 -20.13
C ASN D 154 -12.62 -24.52 -20.37
N TYR D 155 -11.98 -23.87 -19.39
CA TYR D 155 -10.53 -23.62 -19.48
C TYR D 155 -9.71 -24.52 -18.57
N TYR D 156 -8.53 -24.91 -19.05
CA TYR D 156 -7.70 -25.89 -18.37
C TYR D 156 -6.20 -25.59 -18.47
N GLY D 157 -5.39 -26.36 -17.74
CA GLY D 157 -3.96 -26.16 -17.72
C GLY D 157 -3.49 -25.33 -16.55
N ASP D 158 -2.18 -25.33 -16.28
CA ASP D 158 -1.63 -24.66 -15.11
C ASP D 158 -1.87 -23.16 -15.11
N SER D 159 -2.08 -22.59 -16.30
CA SER D 159 -2.34 -21.16 -16.42
C SER D 159 -3.67 -20.86 -17.12
N CYS D 160 -4.50 -21.89 -17.22
CA CYS D 160 -5.85 -21.77 -17.78
C CYS D 160 -5.83 -21.32 -19.25
N SER D 161 -4.79 -21.73 -19.98
CA SER D 161 -4.61 -21.23 -21.34
C SER D 161 -5.11 -22.19 -22.44
N ARG D 162 -5.64 -23.35 -22.03
CA ARG D 162 -6.10 -24.33 -23.01
C ARG D 162 -7.60 -24.59 -22.92
N LEU D 163 -8.29 -24.48 -24.04
CA LEU D 163 -9.73 -24.62 -24.07
C LEU D 163 -10.18 -26.01 -24.48
N CYS D 164 -11.05 -26.59 -23.66
CA CYS D 164 -11.69 -27.85 -23.99
C CYS D 164 -13.20 -27.70 -23.80
N MLY D 165 -13.90 -27.50 -24.90
CA MLY D 165 -15.36 -27.42 -24.88
CB MLY D 165 -15.85 -26.28 -25.76
CG MLY D 165 -17.35 -26.27 -25.99
CD MLY D 165 -17.75 -25.21 -27.00
CE MLY D 165 -17.66 -23.81 -26.40
NZ MLY D 165 -18.99 -23.13 -26.41
CH1 MLY D 165 -18.98 -22.14 -25.32
CH2 MLY D 165 -19.05 -22.37 -27.66
C MLY D 165 -15.93 -28.75 -25.35
O MLY D 165 -15.69 -29.16 -26.49
N MLY D 166 -16.66 -29.42 -24.46
CA MLY D 166 -17.15 -30.78 -24.72
CB MLY D 166 -17.75 -31.38 -23.45
CG MLY D 166 -16.75 -31.55 -22.32
CD MLY D 166 -17.29 -32.46 -21.21
CE MLY D 166 -18.08 -31.69 -20.18
NZ MLY D 166 -17.26 -30.60 -19.61
CH1 MLY D 166 -18.18 -29.47 -19.46
CH2 MLY D 166 -16.88 -31.01 -18.25
C MLY D 166 -18.13 -30.90 -25.88
O MLY D 166 -19.02 -30.07 -26.05
N ARG D 167 -17.92 -31.93 -26.69
CA ARG D 167 -18.73 -32.17 -27.89
C ARG D 167 -19.26 -33.59 -27.93
N ASP D 168 -20.42 -33.78 -28.55
CA ASP D 168 -20.86 -35.10 -28.92
C ASP D 168 -21.55 -35.07 -30.28
N ASP D 169 -20.78 -34.73 -31.32
CA ASP D 169 -21.29 -34.68 -32.67
C ASP D 169 -20.23 -35.06 -33.70
N HIS D 170 -20.45 -34.68 -34.94
CA HIS D 170 -19.60 -35.08 -36.07
C HIS D 170 -18.14 -34.72 -35.88
N PHE D 171 -17.87 -33.58 -35.28
CA PHE D 171 -16.50 -33.11 -35.11
C PHE D 171 -15.77 -33.75 -33.93
N GLY D 172 -16.52 -34.29 -32.98
CA GLY D 172 -15.91 -35.01 -31.88
C GLY D 172 -16.89 -35.55 -30.86
N HIS D 173 -16.44 -36.56 -30.13
CA HIS D 173 -17.20 -37.14 -29.04
C HIS D 173 -16.30 -37.30 -27.84
N TYR D 174 -16.26 -36.27 -26.99
CA TYR D 174 -15.29 -36.27 -25.91
C TYR D 174 -15.71 -35.48 -24.68
N GLU D 175 -15.03 -35.81 -23.59
CA GLU D 175 -15.10 -35.05 -22.35
C GLU D 175 -13.72 -34.45 -22.13
N CYS D 176 -13.50 -33.85 -20.97
CA CYS D 176 -12.25 -33.13 -20.74
C CYS D 176 -11.33 -33.74 -19.68
N GLN D 177 -10.06 -33.88 -20.06
CA GLN D 177 -9.02 -34.32 -19.13
C GLN D 177 -8.64 -33.13 -18.25
N PRO D 178 -7.97 -33.38 -17.12
CA PRO D 178 -7.54 -32.26 -16.27
C PRO D 178 -6.66 -31.23 -16.97
N ASP D 179 -5.90 -31.65 -17.97
CA ASP D 179 -5.03 -30.71 -18.69
C ASP D 179 -5.70 -30.10 -19.93
N GLY D 180 -6.97 -30.43 -20.15
CA GLY D 180 -7.70 -29.87 -21.28
C GLY D 180 -7.70 -30.70 -22.55
N SER D 181 -7.03 -31.85 -22.51
CA SER D 181 -7.03 -32.74 -23.67
C SER D 181 -8.36 -33.45 -23.76
N PRO D 182 -8.86 -33.66 -24.99
CA PRO D 182 -10.14 -34.37 -25.12
C PRO D 182 -10.04 -35.78 -24.55
N SER D 183 -11.07 -36.18 -23.79
CA SER D 183 -11.15 -37.54 -23.28
C SER D 183 -12.24 -38.26 -24.05
N CYS D 184 -11.83 -39.14 -24.94
CA CYS D 184 -12.74 -39.77 -25.89
C CYS D 184 -13.82 -40.57 -25.20
N LEU D 185 -15.06 -40.38 -25.63
CA LEU D 185 -16.18 -41.20 -25.19
C LEU D 185 -15.96 -42.62 -25.74
N PRO D 186 -16.57 -43.63 -25.11
CA PRO D 186 -16.33 -45.02 -25.53
C PRO D 186 -16.63 -45.29 -27.01
N GLY D 187 -15.68 -45.94 -27.69
CA GLY D 187 -15.84 -46.27 -29.08
C GLY D 187 -15.27 -45.25 -30.04
N TRP D 188 -14.58 -44.24 -29.52
CA TRP D 188 -14.01 -43.20 -30.36
C TRP D 188 -12.51 -43.02 -30.14
N THR D 189 -11.85 -42.43 -31.12
CA THR D 189 -10.40 -42.24 -31.08
C THR D 189 -9.98 -41.05 -31.95
N GLY D 190 -8.68 -40.80 -32.01
CA GLY D 190 -8.17 -39.64 -32.72
C GLY D 190 -7.95 -38.48 -31.77
N MLY D 191 -7.24 -37.45 -32.26
CA MLY D 191 -6.90 -36.27 -31.47
CB MLY D 191 -6.04 -35.31 -32.29
CG MLY D 191 -5.80 -33.96 -31.63
CD MLY D 191 -4.51 -33.32 -32.09
CE MLY D 191 -3.72 -32.74 -30.90
NZ MLY D 191 -4.25 -31.44 -30.42
CH1 MLY D 191 -4.99 -31.70 -29.17
CH2 MLY D 191 -3.07 -30.65 -30.03
C MLY D 191 -8.13 -35.55 -30.92
O MLY D 191 -8.14 -35.05 -29.80
N TYR D 192 -9.18 -35.51 -31.73
CA TYR D 192 -10.42 -34.85 -31.34
C TYR D 192 -11.56 -35.85 -31.15
N CYS D 193 -11.20 -37.12 -31.04
CA CYS D 193 -12.15 -38.18 -30.69
C CYS D 193 -13.27 -38.26 -31.71
N ASP D 194 -12.94 -38.07 -32.98
CA ASP D 194 -13.94 -38.06 -34.04
C ASP D 194 -13.80 -39.24 -35.02
N GLN D 195 -12.84 -40.11 -34.77
CA GLN D 195 -12.65 -41.31 -35.57
C GLN D 195 -13.24 -42.51 -34.85
N PRO D 196 -14.22 -43.17 -35.48
CA PRO D 196 -14.86 -44.35 -34.86
C PRO D 196 -13.93 -45.55 -34.81
N ILE D 197 -13.99 -46.32 -33.73
CA ILE D 197 -13.21 -47.54 -33.61
C ILE D 197 -13.97 -48.69 -34.24
N CYS D 198 -13.48 -49.17 -35.38
CA CYS D 198 -14.20 -50.16 -36.15
C CYS D 198 -14.26 -51.49 -35.41
N LEU D 199 -15.19 -52.34 -35.82
CA LEU D 199 -15.42 -53.62 -35.17
C LEU D 199 -14.13 -54.44 -35.23
N SER D 200 -13.88 -55.23 -34.20
CA SER D 200 -12.63 -55.98 -34.10
C SER D 200 -12.46 -56.96 -35.25
N GLY D 201 -11.32 -56.86 -35.94
CA GLY D 201 -11.01 -57.75 -37.04
C GLY D 201 -11.47 -57.24 -38.39
N CYS D 202 -12.04 -56.04 -38.41
CA CYS D 202 -12.44 -55.41 -39.67
C CYS D 202 -11.20 -55.18 -40.51
N HIS D 203 -11.24 -55.61 -41.78
CA HIS D 203 -10.05 -55.52 -42.61
C HIS D 203 -9.69 -54.05 -42.79
N GLU D 204 -8.44 -53.73 -42.48
CA GLU D 204 -7.97 -52.35 -42.47
C GLU D 204 -8.15 -51.68 -43.82
N GLN D 205 -7.84 -52.43 -44.88
CA GLN D 205 -7.89 -51.88 -46.22
C GLN D 205 -9.28 -52.07 -46.85
N ASN D 206 -9.94 -53.19 -46.55
CA ASN D 206 -11.20 -53.55 -47.21
C ASN D 206 -12.43 -53.03 -46.47
N GLY D 207 -12.26 -52.70 -45.19
CA GLY D 207 -13.36 -52.27 -44.36
C GLY D 207 -13.19 -50.87 -43.78
N TYR D 208 -14.29 -50.29 -43.31
CA TYR D 208 -14.28 -48.96 -42.71
C TYR D 208 -15.47 -48.74 -41.77
N CYS D 209 -15.43 -47.66 -41.01
CA CYS D 209 -16.52 -47.34 -40.08
C CYS D 209 -17.06 -45.93 -40.21
N SER D 210 -18.34 -45.79 -39.91
CA SER D 210 -18.97 -44.49 -39.71
C SER D 210 -19.41 -44.41 -38.25
N MLY D 211 -19.54 -45.58 -37.63
CA MLY D 211 -19.94 -45.71 -36.23
CB MLY D 211 -21.42 -46.07 -36.13
CG MLY D 211 -22.28 -45.01 -35.46
CD MLY D 211 -22.52 -43.82 -36.37
CE MLY D 211 -23.38 -42.78 -35.68
NZ MLY D 211 -23.93 -41.78 -36.63
CH1 MLY D 211 -24.78 -42.53 -37.58
CH2 MLY D 211 -24.83 -40.91 -35.86
C MLY D 211 -19.09 -46.81 -35.58
O MLY D 211 -18.58 -47.68 -36.27
N PRO D 212 -18.95 -46.76 -34.24
CA PRO D 212 -18.16 -47.79 -33.55
C PRO D 212 -18.74 -49.20 -33.66
N ASP D 213 -17.85 -50.19 -33.68
CA ASP D 213 -18.18 -51.62 -33.69
C ASP D 213 -18.99 -52.10 -34.91
N GLU D 214 -18.70 -51.53 -36.08
CA GLU D 214 -19.23 -52.04 -37.34
C GLU D 214 -18.13 -52.20 -38.37
N CYS D 215 -18.36 -53.08 -39.33
CA CYS D 215 -17.48 -53.19 -40.47
C CYS D 215 -18.31 -53.09 -41.74
N ASN D 216 -18.03 -52.05 -42.53
CA ASN D 216 -18.73 -51.84 -43.79
C ASN D 216 -17.78 -52.09 -44.94
N CYS D 217 -18.30 -52.68 -46.01
CA CYS D 217 -17.44 -53.21 -47.07
C CYS D 217 -17.28 -52.27 -48.26
N ARG D 218 -16.04 -52.12 -48.69
CA ARG D 218 -15.72 -51.38 -49.90
C ARG D 218 -16.07 -52.25 -51.10
N PRO D 219 -16.19 -51.65 -52.29
CA PRO D 219 -16.65 -52.43 -53.46
C PRO D 219 -15.83 -53.69 -53.74
N GLY D 220 -16.53 -54.80 -53.93
CA GLY D 220 -15.91 -56.08 -54.20
C GLY D 220 -15.63 -56.92 -52.95
N TRP D 221 -16.29 -56.58 -51.85
CA TRP D 221 -16.06 -57.30 -50.59
C TRP D 221 -17.34 -57.48 -49.79
N GLN D 222 -17.39 -58.53 -48.97
CA GLN D 222 -18.61 -58.87 -48.25
C GLN D 222 -18.34 -59.73 -47.02
N GLY D 223 -19.40 -60.01 -46.26
CA GLY D 223 -19.28 -60.80 -45.06
C GLY D 223 -18.97 -59.94 -43.86
N PRO D 224 -19.08 -60.51 -42.65
CA PRO D 224 -18.62 -59.74 -41.49
C PRO D 224 -17.12 -59.55 -41.62
N LEU D 225 -16.60 -58.43 -41.13
CA LEU D 225 -15.17 -58.09 -41.19
C LEU D 225 -14.72 -57.77 -42.62
N CYS D 226 -15.64 -57.87 -43.58
CA CYS D 226 -15.44 -57.42 -44.96
C CYS D 226 -14.18 -57.94 -45.64
N ASN D 227 -13.85 -59.21 -45.44
CA ASN D 227 -12.64 -59.78 -46.03
C ASN D 227 -12.94 -60.87 -47.05
N GLU D 228 -14.23 -61.08 -47.32
CA GLU D 228 -14.68 -62.09 -48.27
C GLU D 228 -15.14 -61.41 -49.56
N ALA D 229 -14.46 -61.70 -50.66
CA ALA D 229 -14.79 -61.09 -51.94
C ALA D 229 -16.06 -61.69 -52.55
C1 NAG E . -0.23 -13.80 19.16
C2 NAG E . -1.45 -13.64 20.06
C3 NAG E . -1.00 -13.34 21.48
C4 NAG E . -0.10 -14.47 21.97
C5 NAG E . 1.08 -14.65 21.00
C6 NAG E . 1.94 -15.84 21.34
C7 NAG E . -3.65 -12.86 19.30
C8 NAG E . -4.45 -11.69 18.84
N2 NAG E . -2.36 -12.61 19.58
O3 NAG E . -2.14 -13.20 22.31
O4 NAG E . 0.38 -14.18 23.27
O5 NAG E . 0.61 -14.84 19.66
O6 NAG E . 1.90 -16.80 20.31
O7 NAG E . -4.13 -13.98 19.41
C1 NAG E . -0.45 -14.87 24.25
C2 NAG E . 0.04 -14.56 25.67
C3 NAG E . -0.85 -15.27 26.69
C4 NAG E . -2.31 -14.95 26.46
C5 NAG E . -2.69 -15.24 25.00
C6 NAG E . -4.10 -14.82 24.66
C7 NAG E . 2.31 -14.27 26.57
C8 NAG E . 3.70 -14.83 26.62
N2 NAG E . 1.43 -14.96 25.83
O3 NAG E . -0.47 -14.86 28.00
O4 NAG E . -3.12 -15.75 27.30
O5 NAG E . -1.82 -14.50 24.13
O6 NAG E . -4.25 -14.58 23.27
O7 NAG E . 1.99 -13.24 27.17
C1 NAG F . -5.62 -16.55 16.13
C2 NAG F . -4.73 -17.79 16.27
C3 NAG F . -5.58 -19.05 16.45
C4 NAG F . -6.57 -18.87 17.60
C5 NAG F . -7.38 -17.59 17.41
C6 NAG F . -8.28 -17.28 18.58
C7 NAG F . -2.60 -17.48 15.08
C8 NAG F . -1.85 -17.72 13.81
N2 NAG F . -3.86 -17.94 15.12
O3 NAG F . -4.74 -20.16 16.70
O4 NAG F . -7.45 -19.99 17.66
O5 NAG F . -6.50 -16.48 17.25
O6 NAG F . -9.39 -16.48 18.19
O7 NAG F . -2.10 -16.91 16.05
C1 NAG F . -7.39 -20.62 18.96
C2 NAG F . -8.06 -21.99 18.89
C3 NAG F . -7.98 -22.69 20.25
C4 NAG F . -6.56 -22.70 20.78
C5 NAG F . -5.99 -21.28 20.77
C6 NAG F . -4.55 -21.22 21.21
C7 NAG F . -9.87 -22.32 17.26
C8 NAG F . -11.33 -22.11 16.98
N2 NAG F . -9.44 -21.87 18.46
O3 NAG F . -8.47 -24.03 20.12
O4 NAG F . -6.54 -23.22 22.11
O5 NAG F . -6.05 -20.75 19.44
O6 NAG F . -4.03 -19.90 21.08
O7 NAG F . -9.13 -22.88 16.47
C2 BGC G . 11.80 43.38 29.58
C3 BGC G . 11.45 42.30 30.57
C4 BGC G . 12.70 41.54 31.06
C5 BGC G . 13.79 42.44 31.63
C6 BGC G . 15.13 41.74 31.83
C1 BGC G . 12.90 44.23 30.15
O2 BGC G . 10.66 44.14 29.13
O3 BGC G . 10.50 41.43 29.93
O4 BGC G . 12.28 40.73 32.14
O5 BGC G . 14.01 43.46 30.67
O6 BGC G . 15.26 41.11 33.11
C2 BGC H . -2.65 30.06 7.67
C3 BGC H . -1.66 30.98 6.99
C4 BGC H . -2.05 31.18 5.52
C5 BGC H . -3.47 31.74 5.50
C6 BGC H . -3.88 32.15 4.09
C1 BGC H . -4.10 30.51 7.45
O2 BGC H . -2.38 30.04 9.08
O3 BGC H . -0.34 30.44 7.08
O4 BGC H . -1.13 32.05 4.86
O5 BGC H . -4.34 30.76 6.05
O6 BGC H . -4.06 33.57 4.03
C1 FUC I . -3.90 13.50 6.87
C2 FUC I . -4.82 12.56 7.65
C3 FUC I . -6.23 12.52 7.01
C4 FUC I . -6.17 12.31 5.49
C5 FUC I . -5.20 13.32 4.86
C6 FUC I . -5.06 13.10 3.36
O2 FUC I . -4.94 13.00 8.98
O3 FUC I . -7.03 11.53 7.64
O4 FUC I . -5.81 10.99 5.17
O5 FUC I . -3.92 13.22 5.47
C2 BGC J . -4.31 12.10 -18.35
C3 BGC J . -3.90 11.21 -17.18
C4 BGC J . -3.89 9.74 -17.59
C5 BGC J . -3.02 9.57 -18.83
C6 BGC J . -2.93 8.12 -19.25
C1 BGC J . -3.63 11.75 -19.66
O2 BGC J . -4.02 13.46 -18.00
O3 BGC J . -4.82 11.38 -16.09
O4 BGC J . -3.37 8.94 -16.52
O5 BGC J . -3.59 10.33 -19.89
O6 BGC J . -1.86 7.47 -18.55
CA CA K . 5.16 25.76 13.02
CA CA L . -10.75 14.14 -11.06
CA CA M . 16.92 48.84 28.54
C1 NAG N . 13.03 7.36 2.37
C2 NAG N . 12.28 7.96 1.17
C3 NAG N . 13.26 8.54 0.16
C4 NAG N . 14.21 9.53 0.85
C5 NAG N . 14.87 8.86 2.05
C6 NAG N . 15.73 9.82 2.85
C7 NAG N . 10.11 7.02 0.50
C8 NAG N . 9.39 5.90 -0.20
N2 NAG N . 11.44 6.95 0.54
O3 NAG N . 12.54 9.22 -0.86
O4 NAG N . 15.20 9.98 -0.06
O5 NAG N . 13.87 8.36 2.95
O6 NAG N . 15.94 9.35 4.17
O7 NAG N . 9.50 7.96 1.01
C1 NAG O . 12.91 20.12 7.39
C2 NAG O . 12.45 20.80 6.10
C3 NAG O . 13.56 21.69 5.56
C4 NAG O . 13.97 22.70 6.61
C5 NAG O . 14.43 21.95 7.87
C6 NAG O . 14.78 22.87 9.01
C7 NAG O . 11.00 20.07 4.27
C8 NAG O . 10.68 18.98 3.29
N2 NAG O . 12.03 19.84 5.10
O3 NAG O . 13.12 22.36 4.39
O4 NAG O . 15.02 23.53 6.13
O5 NAG O . 13.38 21.09 8.33
O6 NAG O . 13.96 22.62 10.14
O7 NAG O . 10.34 21.10 4.32
C2 BGC P . -8.11 -32.11 -40.43
C3 BGC P . -7.73 -32.79 -39.12
C4 BGC P . -8.95 -33.44 -38.48
C5 BGC P . -9.65 -34.33 -39.49
C6 BGC P . -10.89 -34.99 -38.88
C1 BGC P . -8.93 -33.00 -41.35
O2 BGC P . -6.93 -31.68 -41.12
O3 BGC P . -7.18 -31.81 -38.24
O4 BGC P . -8.55 -34.20 -37.35
O5 BGC P . -10.04 -33.56 -40.64
O6 BGC P . -10.49 -35.76 -37.74
C2 BGC Q . 6.52 -10.50 -27.74
C3 BGC Q . 6.36 -9.66 -29.01
C4 BGC Q . 7.26 -8.43 -28.94
C5 BGC Q . 8.70 -8.86 -28.70
C6 BGC Q . 9.63 -7.66 -28.61
C1 BGC Q . 8.00 -10.82 -27.47
O2 BGC Q . 5.77 -11.70 -27.87
O3 BGC Q . 4.99 -9.26 -29.15
O4 BGC Q . 7.16 -7.70 -30.17
O5 BGC Q . 8.77 -9.61 -27.47
O6 BGC Q . 9.78 -7.06 -29.90
C1 FUC R . 4.99 -7.81 -11.16
C2 FUC R . 5.86 -8.49 -10.08
C3 FUC R . 7.21 -7.77 -9.94
C4 FUC R . 7.07 -6.25 -9.85
C5 FUC R . 6.20 -5.74 -11.00
C6 FUC R . 6.00 -4.24 -10.92
O2 FUC R . 6.08 -9.83 -10.43
O3 FUC R . 7.93 -8.30 -8.83
O4 FUC R . 6.54 -5.87 -8.61
O5 FUC R . 4.93 -6.39 -10.98
C2 BGC S . 8.31 17.16 -12.00
C3 BGC S . 7.72 16.23 -10.93
C4 BGC S . 7.59 16.94 -9.59
C5 BGC S . 6.80 18.24 -9.77
C6 BGC S . 6.70 19.00 -8.44
C1 BGC S . 7.65 18.54 -12.02
O2 BGC S . 8.20 16.54 -13.28
O3 BGC S . 8.58 15.10 -10.77
O4 BGC S . 6.91 16.10 -8.66
O5 BGC S . 7.48 19.08 -10.70
O6 BGC S . 5.76 18.35 -7.58
CA CA T . 13.86 9.17 -12.88
CA CA U . -2.35 -14.59 -24.67
CA CA V . -12.60 -32.26 -46.91
C1 NAG W . -12.10 -0.63 -8.35
C2 NAG W . -11.21 0.38 -9.10
C3 NAG W . -12.05 1.26 -10.03
C4 NAG W . -12.93 0.40 -10.93
C5 NAG W . -13.76 -0.55 -10.09
C6 NAG W . -14.60 -1.49 -10.92
C7 NAG W . -9.16 1.05 -7.90
C8 NAG W . -8.58 2.01 -6.90
N2 NAG W . -10.47 1.21 -8.15
O3 NAG W . -11.19 2.05 -10.82
O4 NAG W . -13.80 1.24 -11.69
O5 NAG W . -12.89 -1.36 -9.30
O6 NAG W . -15.04 -2.61 -10.15
O7 NAG W . -8.49 0.19 -8.46
C1 NAG X . -12.25 -7.65 -19.05
C2 NAG X . -12.36 -6.29 -18.38
C3 NAG X . -13.79 -5.79 -18.38
C4 NAG X . -14.39 -5.86 -19.78
C5 NAG X . -14.20 -7.26 -20.36
C6 NAG X . -14.69 -7.37 -21.78
C7 NAG X . -10.90 -5.52 -16.56
C8 NAG X . -10.48 -5.72 -15.13
N2 NAG X . -11.83 -6.35 -17.02
O3 NAG X . -13.82 -4.45 -17.91
O4 NAG X . -15.76 -5.52 -19.75
O5 NAG X . -12.81 -7.59 -20.36
O6 NAG X . -14.17 -8.53 -22.41
O7 NAG X . -10.42 -4.63 -17.25
#